data_1RWC
#
_entry.id   1RWC
#
_cell.length_a   57.679
_cell.length_b   86.437
_cell.length_c   81.289
_cell.angle_alpha   90.00
_cell.angle_beta   106.88
_cell.angle_gamma   90.00
#
_symmetry.space_group_name_H-M   'P 1 21 1'
#
loop_
_entity.id
_entity.type
_entity.pdbx_description
1 polymer 'chondroitin AC lyase'
2 branched '2,6-anhydro-3-deoxy-L-threo-hex-2-enonic acid-(1-3)-2-acetamido-2-deoxy-beta-D-glucopyranose'
3 non-polymer 'SODIUM ION'
4 non-polymer 'PHOSPHATE ION'
5 non-polymer GLYCEROL
6 water water
#
_entity_poly.entity_id   1
_entity_poly.type   'polypeptide(L)'
_entity_poly.pdbx_seq_one_letter_code
;EAEPGAAEFAALRNRWVDQITGRNVIQAGDPDFAKAITALNNKAADSLAKLDAAAGRTSVFTDLSLAKDAEMVTTYTRLS
QLATAWATPTAAVFGDAAVLAAIKAGLADANTLCYNDRKEEVGNWWSWEIGVPRALADAMVLLHAELSAAERTAYCAAID
HFVPDPWLQFPPKRGKITSVGANRVDLCQGIIIRSLAGEDPTKLNHAVAGLSQVWQYVTSGDGIFRDGSFIQHSTTPYTG
SYGVVLLTGLSKLFSLLGGTAFEVSDPTRSIFFDAVEGSFAPVMINGAMADAVRGRSISREANTGYDLGASAIEAILLLA
RAMDPATAARWRGLCAGWIARDTYRPILNSASVPRTALVKQLEATGVAPVAEATGHKLFPAMDRTMHRGPGWALSLALSS
NRIAWYECGNGENNRGYHTGSGMTYFYTSDLGQYDDAFWATANYNRLPGITVDTTPLPDKVEGQWGAAVPADEWSGATAL
GEVAAVGQHLVGPGRTGLTARKSWFVSGDVTVCLGADISTASGAKVETIVDHRNLHQGSNTLTTAAGTIAGTAGTVEVLG
DGRWVHLEGFGGYAMLDDSPLHVLRETRSGSWSGVNINGSATVQQRNFATLYVNHGVGPVAGSYAYMVAPGASVDLTRKL
LEGNKYSVIRNDATAQSVEFKTAKTTAATFWKPGMAGDLGASGPACVVFSRHGNELSLAVSEPTQKAAGLTLTLPEGTWS
SVLEGAGTLGTDADGRSTLTLDTTGLSGKTKLIKLKR
;
_entity_poly.pdbx_strand_id   A
#
loop_
_chem_comp.id
_chem_comp.type
_chem_comp.name
_chem_comp.formula
GAD L-saccharide '2,6-anhydro-3-deoxy-L-threo-hex-2-enonic acid' 'C6 H8 O5'
GOL non-polymer GLYCEROL 'C3 H8 O3'
NA non-polymer 'SODIUM ION' 'Na 1'
NAG D-saccharide, beta linking 2-acetamido-2-deoxy-beta-D-glucopyranose 'C8 H15 N O6'
PO4 non-polymer 'PHOSPHATE ION' 'O4 P -3'
#
# COMPACT_ATOMS: atom_id res chain seq x y z
N PRO A 4 -36.09 -11.01 -17.45
CA PRO A 4 -36.27 -10.46 -16.07
C PRO A 4 -36.81 -9.01 -16.07
N GLY A 5 -37.45 -8.62 -14.96
CA GLY A 5 -38.26 -7.41 -14.94
C GLY A 5 -38.42 -6.70 -13.61
N ALA A 6 -39.58 -6.06 -13.47
CA ALA A 6 -39.87 -5.17 -12.35
C ALA A 6 -39.73 -5.84 -10.98
N ALA A 7 -40.07 -7.12 -10.89
CA ALA A 7 -39.96 -7.84 -9.61
C ALA A 7 -38.50 -7.98 -9.19
N GLU A 8 -37.69 -8.42 -10.14
CA GLU A 8 -36.25 -8.63 -9.99
C GLU A 8 -35.51 -7.32 -9.68
N PHE A 9 -35.88 -6.23 -10.36
CA PHE A 9 -35.33 -4.91 -10.09
C PHE A 9 -35.65 -4.35 -8.70
N ALA A 10 -36.87 -4.53 -8.21
CA ALA A 10 -37.21 -4.16 -6.84
C ALA A 10 -36.44 -5.00 -5.84
N ALA A 11 -36.28 -6.29 -6.12
CA ALA A 11 -35.55 -7.15 -5.23
C ALA A 11 -34.09 -6.71 -5.14
N LEU A 12 -33.53 -6.36 -6.30
CA LEU A 12 -32.15 -5.86 -6.39
C LEU A 12 -31.93 -4.55 -5.67
N ARG A 13 -32.82 -3.58 -5.91
CA ARG A 13 -32.78 -2.32 -5.14
C ARG A 13 -32.85 -2.58 -3.63
N ASN A 14 -33.66 -3.55 -3.21
CA ASN A 14 -33.88 -3.72 -1.78
C ASN A 14 -32.66 -4.31 -1.15
N ARG A 15 -32.06 -5.24 -1.89
CA ARG A 15 -30.82 -5.82 -1.44
C ARG A 15 -29.68 -4.77 -1.32
N TRP A 16 -29.64 -3.80 -2.23
CA TRP A 16 -28.61 -2.75 -2.16
C TRP A 16 -28.91 -1.83 -0.97
N VAL A 17 -30.17 -1.46 -0.77
CA VAL A 17 -30.52 -0.68 0.42
C VAL A 17 -30.14 -1.47 1.71
N ASP A 18 -30.44 -2.79 1.76
CA ASP A 18 -30.06 -3.62 2.90
C ASP A 18 -28.59 -3.56 3.11
N GLN A 19 -27.84 -3.69 2.01
CA GLN A 19 -26.39 -3.72 2.11
C GLN A 19 -25.78 -2.42 2.65
N ILE A 20 -26.17 -1.30 2.04
CA ILE A 20 -25.59 -0.03 2.44
C ILE A 20 -26.13 0.57 3.74
N THR A 21 -27.30 0.12 4.23
CA THR A 21 -27.80 0.59 5.53
C THR A 21 -27.57 -0.40 6.69
N GLY A 22 -27.50 -1.69 6.39
CA GLY A 22 -27.50 -2.66 7.48
C GLY A 22 -28.85 -2.76 8.19
N ARG A 23 -29.91 -2.24 7.56
CA ARG A 23 -31.24 -2.18 8.20
C ARG A 23 -31.72 -3.55 8.65
N ASN A 24 -31.25 -4.62 7.99
CA ASN A 24 -31.70 -5.99 8.29
C ASN A 24 -30.91 -6.67 9.42
N VAL A 25 -29.84 -6.03 9.88
CA VAL A 25 -28.88 -6.70 10.78
C VAL A 25 -28.49 -5.91 12.03
N ILE A 26 -29.17 -4.80 12.29
CA ILE A 26 -28.99 -4.15 13.59
C ILE A 26 -29.51 -5.03 14.71
N GLN A 27 -28.66 -5.28 15.71
CA GLN A 27 -28.99 -6.18 16.81
C GLN A 27 -29.60 -5.35 17.89
N ALA A 28 -30.70 -5.86 18.44
CA ALA A 28 -31.33 -5.24 19.66
C ALA A 28 -30.42 -5.03 20.90
N GLY A 29 -30.08 -3.77 21.20
CA GLY A 29 -29.32 -3.41 22.39
C GLY A 29 -27.81 -3.59 22.34
N ASP A 30 -27.27 -3.74 21.12
CA ASP A 30 -25.84 -3.96 20.98
C ASP A 30 -25.09 -2.61 21.03
N PRO A 31 -24.09 -2.49 21.89
CA PRO A 31 -23.43 -1.20 22.10
C PRO A 31 -22.64 -0.70 20.91
N ASP A 32 -22.19 -1.62 20.05
CA ASP A 32 -21.42 -1.21 18.86
C ASP A 32 -22.34 -0.76 17.73
N PHE A 33 -23.45 -1.46 17.57
CA PHE A 33 -24.52 -1.01 16.70
C PHE A 33 -25.05 0.35 17.17
N ALA A 34 -25.13 0.55 18.50
CA ALA A 34 -25.50 1.83 19.09
C ALA A 34 -24.51 2.94 18.75
N LYS A 35 -23.22 2.64 18.78
CA LYS A 35 -22.24 3.70 18.50
C LYS A 35 -22.14 3.99 17.01
N ALA A 36 -22.50 2.99 16.21
CA ALA A 36 -22.58 3.17 14.76
C ALA A 36 -23.74 4.08 14.38
N ILE A 37 -24.91 3.85 14.97
CA ILE A 37 -26.07 4.73 14.80
C ILE A 37 -25.78 6.16 15.24
N THR A 38 -25.11 6.33 16.39
CA THR A 38 -24.73 7.67 16.83
C THR A 38 -23.81 8.40 15.86
N ALA A 39 -22.81 7.70 15.31
CA ALA A 39 -21.97 8.32 14.29
C ALA A 39 -22.82 8.72 13.06
N LEU A 40 -23.76 7.85 12.68
CA LEU A 40 -24.68 8.16 11.55
C LEU A 40 -25.51 9.44 11.90
N ASN A 41 -26.04 9.48 13.11
CA ASN A 41 -26.79 10.65 13.55
C ASN A 41 -25.98 11.95 13.50
N ASN A 42 -24.74 11.90 13.99
CA ASN A 42 -23.95 13.12 14.06
C ASN A 42 -23.57 13.65 12.69
N LYS A 43 -23.22 12.76 11.78
CA LYS A 43 -22.89 13.18 10.42
C LYS A 43 -24.11 13.78 9.74
N ALA A 44 -25.26 13.15 9.93
CA ALA A 44 -26.51 13.62 9.35
C ALA A 44 -26.85 15.00 9.92
N ALA A 45 -26.86 15.15 11.26
CA ALA A 45 -27.15 16.46 11.86
C ALA A 45 -26.19 17.57 11.38
N ASP A 46 -24.89 17.25 11.24
CA ASP A 46 -23.87 18.20 10.78
C ASP A 46 -24.28 18.76 9.41
N SER A 47 -24.59 17.84 8.50
CA SER A 47 -25.02 18.19 7.17
C SER A 47 -26.28 19.04 7.24
N LEU A 48 -27.28 18.59 7.98
CA LEU A 48 -28.51 19.38 8.13
C LEU A 48 -28.23 20.82 8.62
N ALA A 49 -27.36 20.95 9.63
CA ALA A 49 -26.91 22.28 10.10
C ALA A 49 -26.36 23.16 8.97
N LYS A 50 -25.72 22.57 7.94
CA LYS A 50 -25.10 23.39 6.89
C LYS A 50 -25.99 23.57 5.65
N LEU A 51 -27.26 23.18 5.73
CA LEU A 51 -28.13 23.39 4.58
C LEU A 51 -28.33 24.88 4.25
N ASP A 52 -28.34 25.18 2.95
CA ASP A 52 -28.61 26.53 2.46
C ASP A 52 -30.11 26.70 2.45
N ALA A 53 -30.65 27.45 3.41
CA ALA A 53 -32.12 27.54 3.58
C ALA A 53 -32.77 28.63 2.71
N ALA A 54 -31.92 29.46 2.08
CA ALA A 54 -32.29 30.64 1.30
C ALA A 54 -33.18 30.37 0.08
N ALA A 55 -34.08 31.33 -0.17
CA ALA A 55 -34.91 31.35 -1.36
C ALA A 55 -34.00 31.55 -2.59
N GLY A 56 -34.33 30.89 -3.71
CA GLY A 56 -33.46 30.90 -4.89
C GLY A 56 -31.96 30.73 -4.60
N ARG A 57 -31.61 29.75 -3.75
CA ARG A 57 -30.22 29.45 -3.39
C ARG A 57 -29.41 29.01 -4.61
N THR A 58 -28.10 29.25 -4.54
CA THR A 58 -27.19 28.85 -5.61
C THR A 58 -26.22 27.71 -5.18
N SER A 59 -26.37 27.24 -3.93
CA SER A 59 -25.69 26.05 -3.38
C SER A 59 -26.70 25.26 -2.55
N VAL A 60 -26.38 24.03 -2.22
CA VAL A 60 -27.25 23.20 -1.38
C VAL A 60 -26.77 23.29 0.06
N PHE A 61 -25.44 23.31 0.26
CA PHE A 61 -24.84 23.49 1.57
C PHE A 61 -23.96 24.73 1.65
N THR A 62 -24.13 25.51 2.72
CA THR A 62 -23.49 26.83 2.84
C THR A 62 -21.95 26.78 2.83
N ASP A 63 -21.39 25.61 3.10
CA ASP A 63 -19.94 25.51 3.06
C ASP A 63 -19.43 24.77 1.81
N LEU A 64 -20.31 24.54 0.84
CA LEU A 64 -19.91 23.80 -0.35
C LEU A 64 -20.37 24.49 -1.61
N SER A 65 -19.36 24.93 -2.37
CA SER A 65 -19.53 25.54 -3.68
C SER A 65 -19.66 24.54 -4.81
N LEU A 66 -20.75 24.65 -5.55
CA LEU A 66 -21.06 23.79 -6.67
C LEU A 66 -20.19 24.11 -7.85
N ALA A 67 -19.38 25.17 -7.72
CA ALA A 67 -18.46 25.55 -8.79
C ALA A 67 -17.04 24.98 -8.55
N LYS A 68 -16.90 24.28 -7.43
CA LYS A 68 -15.70 23.53 -7.17
C LYS A 68 -16.10 22.05 -7.17
N ASP A 69 -15.54 21.29 -8.11
CA ASP A 69 -15.95 19.90 -8.32
C ASP A 69 -15.80 19.00 -7.07
N ALA A 70 -14.77 19.17 -6.24
CA ALA A 70 -14.66 18.32 -5.05
C ALA A 70 -15.80 18.61 -4.06
N GLU A 71 -16.26 19.85 -4.05
CA GLU A 71 -17.33 20.24 -3.14
C GLU A 71 -18.66 19.93 -3.75
N MET A 72 -18.72 19.88 -5.09
CA MET A 72 -19.87 19.25 -5.75
C MET A 72 -19.97 17.79 -5.33
N VAL A 73 -18.85 17.05 -5.39
CA VAL A 73 -18.90 15.64 -4.95
C VAL A 73 -19.39 15.58 -3.51
N THR A 74 -18.75 16.34 -2.62
CA THR A 74 -19.17 16.37 -1.21
C THR A 74 -20.64 16.68 -0.99
N THR A 75 -21.21 17.59 -1.80
CA THR A 75 -22.64 17.88 -1.75
C THR A 75 -23.44 16.60 -1.97
N TYR A 76 -23.09 15.82 -2.99
CA TYR A 76 -23.82 14.58 -3.32
C TYR A 76 -23.60 13.47 -2.28
N THR A 77 -22.41 13.41 -1.70
CA THR A 77 -22.20 12.38 -0.67
C THR A 77 -22.92 12.72 0.63
N ARG A 78 -23.03 14.01 0.95
CA ARG A 78 -23.81 14.39 2.12
C ARG A 78 -25.25 13.98 1.90
N LEU A 79 -25.74 14.19 0.67
CA LEU A 79 -27.13 13.84 0.38
C LEU A 79 -27.38 12.35 0.45
N SER A 80 -26.42 11.54 -0.06
CA SER A 80 -26.63 10.10 -0.01
C SER A 80 -26.47 9.56 1.44
N GLN A 81 -25.59 10.20 2.21
CA GLN A 81 -25.50 9.90 3.61
C GLN A 81 -26.82 10.21 4.36
N LEU A 82 -27.43 11.35 4.03
CA LEU A 82 -28.68 11.72 4.68
C LEU A 82 -29.75 10.72 4.28
N ALA A 83 -29.73 10.26 3.00
CA ALA A 83 -30.74 9.29 2.59
C ALA A 83 -30.46 7.93 3.23
N THR A 84 -29.20 7.63 3.45
CA THR A 84 -28.87 6.41 4.18
C THR A 84 -29.47 6.42 5.57
N ALA A 85 -29.30 7.55 6.27
CA ALA A 85 -29.77 7.72 7.64
C ALA A 85 -31.30 7.66 7.66
N TRP A 86 -31.91 8.40 6.75
CA TRP A 86 -33.38 8.37 6.58
C TRP A 86 -33.94 6.96 6.44
N ALA A 87 -33.18 6.07 5.78
CA ALA A 87 -33.47 4.66 5.55
C ALA A 87 -33.02 3.66 6.68
N THR A 88 -32.35 4.15 7.71
CA THR A 88 -31.80 3.26 8.76
C THR A 88 -32.66 3.23 10.05
N PRO A 89 -33.32 2.10 10.35
CA PRO A 89 -34.09 1.96 11.57
C PRO A 89 -33.30 2.43 12.76
N THR A 90 -34.00 3.15 13.65
CA THR A 90 -33.46 3.73 14.89
C THR A 90 -32.55 4.94 14.69
N ALA A 91 -32.28 5.34 13.44
CA ALA A 91 -31.55 6.59 13.24
C ALA A 91 -32.47 7.71 13.67
N ALA A 92 -31.90 8.80 14.19
CA ALA A 92 -32.66 9.99 14.53
C ALA A 92 -33.58 10.47 13.38
N VAL A 93 -33.10 10.40 12.13
CA VAL A 93 -33.90 10.95 11.00
C VAL A 93 -34.65 9.90 10.21
N PHE A 94 -34.75 8.69 10.77
CA PHE A 94 -35.38 7.57 10.09
C PHE A 94 -36.81 7.95 9.78
N GLY A 95 -37.17 7.83 8.49
CA GLY A 95 -38.51 8.11 8.00
C GLY A 95 -38.98 9.56 8.24
N ASP A 96 -38.06 10.48 8.50
CA ASP A 96 -38.41 11.88 8.73
C ASP A 96 -38.85 12.63 7.47
N ALA A 97 -40.13 12.95 7.38
CA ALA A 97 -40.68 13.65 6.19
C ALA A 97 -39.94 14.95 5.86
N ALA A 98 -39.58 15.71 6.89
CA ALA A 98 -38.87 16.98 6.66
C ALA A 98 -37.45 16.76 6.14
N VAL A 99 -36.76 15.80 6.74
CA VAL A 99 -35.43 15.42 6.22
C VAL A 99 -35.58 14.92 4.79
N LEU A 100 -36.52 14.04 4.52
CA LEU A 100 -36.69 13.56 3.16
C LEU A 100 -36.88 14.75 2.20
N ALA A 101 -37.72 15.70 2.59
CA ALA A 101 -37.95 16.89 1.78
C ALA A 101 -36.64 17.60 1.47
N ALA A 102 -35.79 17.76 2.47
CA ALA A 102 -34.58 18.52 2.25
C ALA A 102 -33.62 17.78 1.32
N ILE A 103 -33.61 16.45 1.43
CA ILE A 103 -32.78 15.63 0.53
C ILE A 103 -33.24 15.80 -0.93
N LYS A 104 -34.55 15.74 -1.11
CA LYS A 104 -35.17 15.73 -2.43
C LYS A 104 -34.95 17.06 -3.10
N ALA A 105 -35.03 18.15 -2.30
CA ALA A 105 -34.73 19.48 -2.82
C ALA A 105 -33.24 19.65 -3.15
N GLY A 106 -32.37 19.15 -2.27
CA GLY A 106 -30.96 19.18 -2.50
C GLY A 106 -30.56 18.51 -3.81
N LEU A 107 -31.10 17.33 -4.08
CA LEU A 107 -30.79 16.60 -5.31
C LEU A 107 -31.35 17.37 -6.54
N ALA A 108 -32.55 17.94 -6.37
CA ALA A 108 -33.21 18.73 -7.43
C ALA A 108 -32.39 19.98 -7.78
N ASP A 109 -31.95 20.71 -6.76
CA ASP A 109 -31.19 21.94 -7.01
C ASP A 109 -29.76 21.64 -7.49
N ALA A 110 -29.13 20.62 -6.91
CA ALA A 110 -27.81 20.23 -7.43
C ALA A 110 -27.92 19.88 -8.92
N ASN A 111 -29.01 19.20 -9.31
CA ASN A 111 -29.25 18.86 -10.71
C ASN A 111 -29.40 20.12 -11.55
N THR A 112 -30.32 21.00 -11.14
CA THR A 112 -30.63 22.23 -11.88
C THR A 112 -29.47 23.15 -12.01
N LEU A 113 -28.80 23.38 -10.90
CA LEU A 113 -27.77 24.39 -10.83
C LEU A 113 -26.50 23.94 -11.48
N CYS A 114 -26.28 22.63 -11.53
CA CYS A 114 -24.93 22.15 -11.76
C CYS A 114 -24.86 20.83 -12.52
N TYR A 115 -25.33 19.74 -11.93
CA TYR A 115 -24.98 18.43 -12.43
C TYR A 115 -26.11 17.92 -13.29
N ASN A 116 -26.03 18.26 -14.57
CA ASN A 116 -27.09 17.86 -15.47
C ASN A 116 -26.58 17.47 -16.87
N ASP A 117 -27.50 16.96 -17.69
CA ASP A 117 -27.16 16.43 -19.00
C ASP A 117 -26.77 17.51 -20.01
N ARG A 118 -26.69 18.76 -19.57
CA ARG A 118 -26.25 19.85 -20.47
C ARG A 118 -24.92 20.44 -20.04
N LYS A 119 -24.34 19.90 -18.98
CA LYS A 119 -23.11 20.41 -18.40
C LYS A 119 -21.83 19.76 -18.97
N GLU A 120 -20.87 20.60 -19.32
CA GLU A 120 -19.54 20.13 -19.63
C GLU A 120 -18.74 19.98 -18.32
N GLU A 121 -17.92 18.93 -18.26
CA GLU A 121 -17.00 18.74 -17.13
C GLU A 121 -16.06 19.92 -17.01
N VAL A 122 -15.79 20.28 -15.76
CA VAL A 122 -14.86 21.33 -15.38
C VAL A 122 -14.11 20.79 -14.17
N GLY A 123 -12.78 20.75 -14.25
CA GLY A 123 -11.98 20.24 -13.15
C GLY A 123 -11.75 18.73 -13.24
N ASN A 124 -11.62 18.07 -12.09
CA ASN A 124 -11.23 16.65 -11.98
C ASN A 124 -12.31 15.75 -12.58
N TRP A 125 -11.94 14.97 -13.60
CA TRP A 125 -12.91 14.13 -14.30
C TRP A 125 -13.52 13.14 -13.29
N TRP A 126 -12.72 12.80 -12.29
CA TRP A 126 -13.11 11.77 -11.32
C TRP A 126 -14.38 12.22 -10.60
N SER A 127 -14.48 13.52 -10.30
CA SER A 127 -15.70 14.07 -9.68
C SER A 127 -17.00 13.89 -10.46
N TRP A 128 -16.91 14.12 -11.78
CA TRP A 128 -18.08 14.04 -12.66
C TRP A 128 -18.55 12.60 -12.95
N GLU A 129 -17.59 11.68 -13.04
CA GLU A 129 -17.83 10.34 -13.56
C GLU A 129 -17.84 9.24 -12.46
N ILE A 130 -17.24 9.52 -11.30
CA ILE A 130 -17.17 8.50 -10.21
C ILE A 130 -17.71 9.08 -8.88
N GLY A 131 -17.17 10.23 -8.47
CA GLY A 131 -17.67 10.95 -7.30
C GLY A 131 -19.17 11.15 -7.24
N VAL A 132 -19.75 11.83 -8.24
CA VAL A 132 -21.18 12.08 -8.24
C VAL A 132 -22.00 10.85 -8.59
N PRO A 133 -21.74 10.15 -9.71
CA PRO A 133 -22.56 8.99 -10.07
C PRO A 133 -22.80 7.98 -8.92
N ARG A 134 -21.78 7.55 -8.20
CA ARG A 134 -21.99 6.53 -7.15
C ARG A 134 -22.95 7.06 -6.09
N ALA A 135 -22.76 8.33 -5.71
CA ALA A 135 -23.53 8.96 -4.62
C ALA A 135 -24.96 9.24 -5.07
N LEU A 136 -25.08 9.75 -6.29
CA LEU A 136 -26.36 10.04 -6.87
C LEU A 136 -27.19 8.77 -7.15
N ALA A 137 -26.55 7.75 -7.68
CA ALA A 137 -27.16 6.46 -7.83
C ALA A 137 -27.64 5.87 -6.47
N ASP A 138 -26.83 6.00 -5.44
CA ASP A 138 -27.23 5.39 -4.18
C ASP A 138 -28.46 6.13 -3.72
N ALA A 139 -28.48 7.47 -3.90
CA ALA A 139 -29.59 8.26 -3.41
C ALA A 139 -30.89 7.93 -4.19
N MET A 140 -30.79 7.71 -5.51
CA MET A 140 -31.98 7.26 -6.24
C MET A 140 -32.58 5.98 -5.72
N VAL A 141 -31.73 4.98 -5.52
CA VAL A 141 -32.13 3.70 -5.00
C VAL A 141 -32.66 3.76 -3.59
N LEU A 142 -31.96 4.46 -2.68
CA LEU A 142 -32.52 4.67 -1.32
C LEU A 142 -33.92 5.36 -1.32
N LEU A 143 -34.09 6.32 -2.22
CA LEU A 143 -35.29 7.14 -2.23
C LEU A 143 -36.30 6.73 -3.31
N HIS A 144 -36.26 5.47 -3.71
CA HIS A 144 -36.94 5.05 -4.90
C HIS A 144 -38.44 5.11 -4.75
N ALA A 145 -38.93 4.84 -3.54
CA ALA A 145 -40.36 4.89 -3.28
C ALA A 145 -40.88 6.32 -3.25
N GLU A 146 -39.95 7.28 -3.18
CA GLU A 146 -40.30 8.70 -2.96
C GLU A 146 -40.03 9.68 -4.09
N LEU A 147 -39.07 9.38 -4.97
CA LEU A 147 -38.73 10.18 -6.16
C LEU A 147 -39.76 9.95 -7.27
N SER A 148 -40.02 10.98 -8.10
CA SER A 148 -40.95 10.83 -9.23
C SER A 148 -40.26 10.17 -10.40
N ALA A 149 -41.05 9.60 -11.32
CA ALA A 149 -40.54 9.11 -12.59
C ALA A 149 -39.76 10.21 -13.28
N ALA A 150 -40.17 11.45 -13.08
CA ALA A 150 -39.50 12.55 -13.76
C ALA A 150 -38.18 12.91 -13.12
N GLU A 151 -38.13 12.79 -11.80
CA GLU A 151 -36.86 12.90 -11.09
C GLU A 151 -35.86 11.75 -11.50
N ARG A 152 -36.30 10.49 -11.45
CA ARG A 152 -35.45 9.40 -11.99
C ARG A 152 -34.90 9.77 -13.37
N THR A 153 -35.79 10.12 -14.30
CA THR A 153 -35.33 10.41 -15.64
C THR A 153 -34.21 11.43 -15.64
N ALA A 154 -34.40 12.52 -14.91
CA ALA A 154 -33.40 13.60 -14.99
C ALA A 154 -32.04 13.22 -14.40
N TYR A 155 -32.02 12.39 -13.35
CA TYR A 155 -30.76 12.08 -12.70
C TYR A 155 -30.05 10.95 -13.48
N CYS A 156 -30.82 10.00 -14.02
CA CYS A 156 -30.22 9.00 -14.91
C CYS A 156 -29.58 9.68 -16.11
N ALA A 157 -30.26 10.69 -16.64
CA ALA A 157 -29.81 11.40 -17.84
C ALA A 157 -28.53 12.13 -17.52
N ALA A 158 -28.49 12.75 -16.34
CA ALA A 158 -27.26 13.40 -15.94
C ALA A 158 -26.12 12.37 -15.89
N ILE A 159 -26.39 11.22 -15.27
CA ILE A 159 -25.37 10.19 -15.13
C ILE A 159 -24.91 9.69 -16.50
N ASP A 160 -25.86 9.41 -17.40
CA ASP A 160 -25.49 8.86 -18.71
C ASP A 160 -24.71 9.89 -19.52
N HIS A 161 -24.99 11.16 -19.26
CA HIS A 161 -24.27 12.22 -19.93
C HIS A 161 -22.79 12.17 -19.61
N PHE A 162 -22.43 12.06 -18.32
CA PHE A 162 -21.03 12.03 -17.94
C PHE A 162 -20.34 10.67 -18.14
N VAL A 163 -21.14 9.62 -18.11
CA VAL A 163 -20.62 8.26 -18.19
C VAL A 163 -21.49 7.48 -19.15
N PRO A 164 -21.43 7.77 -20.46
CA PRO A 164 -22.26 6.99 -21.38
C PRO A 164 -21.78 5.53 -21.46
N ASP A 165 -20.52 5.28 -21.17
CA ASP A 165 -19.97 3.89 -21.20
C ASP A 165 -18.92 3.72 -20.09
N PRO A 166 -19.23 2.94 -19.05
CA PRO A 166 -18.28 2.77 -17.93
C PRO A 166 -16.97 2.04 -18.29
N TRP A 167 -16.86 1.50 -19.51
CA TRP A 167 -15.58 0.92 -19.97
C TRP A 167 -14.57 2.00 -20.37
N LEU A 168 -15.02 3.24 -20.37
CA LEU A 168 -14.26 4.40 -20.82
C LEU A 168 -14.31 5.47 -19.76
N GLN A 169 -13.37 6.43 -19.84
CA GLN A 169 -13.38 7.56 -18.95
C GLN A 169 -12.85 8.77 -19.70
N PHE A 170 -13.17 9.96 -19.15
CA PHE A 170 -12.76 11.29 -19.61
C PHE A 170 -13.89 11.96 -20.37
N PRO A 171 -14.00 13.27 -20.26
CA PRO A 171 -14.99 14.00 -21.07
C PRO A 171 -14.53 14.00 -22.53
N PRO A 172 -15.47 14.12 -23.46
CA PRO A 172 -15.17 14.04 -24.90
C PRO A 172 -14.07 14.98 -25.35
N LYS A 173 -14.08 16.20 -24.84
CA LYS A 173 -13.08 17.16 -25.23
C LYS A 173 -11.63 16.70 -25.04
N ARG A 174 -11.42 15.54 -24.36
CA ARG A 174 -10.09 15.08 -23.91
C ARG A 174 -9.54 13.89 -24.71
N GLY A 175 -10.41 13.14 -25.36
CA GLY A 175 -10.02 11.84 -25.85
C GLY A 175 -10.29 10.82 -24.74
N LYS A 176 -11.21 9.88 -24.97
CA LYS A 176 -11.65 8.91 -23.96
C LYS A 176 -10.74 7.69 -23.99
N ILE A 177 -10.28 7.23 -22.81
CA ILE A 177 -9.43 6.04 -22.72
C ILE A 177 -10.14 4.91 -21.95
N THR A 178 -9.63 3.68 -22.12
CA THR A 178 -10.12 2.51 -21.39
C THR A 178 -9.92 2.75 -19.88
N SER A 179 -10.99 2.66 -19.11
CA SER A 179 -10.89 2.78 -17.62
C SER A 179 -10.32 1.46 -17.15
N VAL A 180 -9.47 1.46 -16.13
CA VAL A 180 -8.83 0.23 -15.70
C VAL A 180 -8.86 0.15 -14.18
N GLY A 181 -8.76 -1.06 -13.66
CA GLY A 181 -8.46 -1.23 -12.23
C GLY A 181 -9.56 -0.57 -11.36
N ALA A 182 -9.17 0.18 -10.34
CA ALA A 182 -10.17 0.81 -9.43
C ALA A 182 -11.14 1.65 -10.19
N ASN A 183 -10.62 2.40 -11.15
CA ASN A 183 -11.49 3.21 -12.00
C ASN A 183 -12.57 2.41 -12.73
N ARG A 184 -12.20 1.32 -13.42
CA ARG A 184 -13.21 0.47 -14.03
C ARG A 184 -14.29 0.01 -13.00
N VAL A 185 -13.86 -0.38 -11.80
CA VAL A 185 -14.83 -0.88 -10.86
C VAL A 185 -15.82 0.24 -10.46
N ASP A 186 -15.31 1.44 -10.18
CA ASP A 186 -16.12 2.54 -9.63
C ASP A 186 -17.10 3.00 -10.71
N LEU A 187 -16.60 3.06 -11.94
CA LEU A 187 -17.45 3.43 -13.09
C LEU A 187 -18.59 2.44 -13.28
N CYS A 188 -18.29 1.15 -13.20
CA CYS A 188 -19.33 0.18 -13.42
C CYS A 188 -20.30 0.21 -12.24
N GLN A 189 -19.78 0.50 -11.03
CA GLN A 189 -20.64 0.54 -9.88
C GLN A 189 -21.72 1.61 -10.04
N GLY A 190 -21.31 2.83 -10.42
CA GLY A 190 -22.26 3.92 -10.57
C GLY A 190 -23.31 3.58 -11.62
N ILE A 191 -22.88 2.93 -12.69
CA ILE A 191 -23.86 2.60 -13.75
C ILE A 191 -24.77 1.44 -13.33
N ILE A 192 -24.22 0.50 -12.56
CA ILE A 192 -25.01 -0.66 -12.19
C ILE A 192 -26.07 -0.18 -11.21
N ILE A 193 -25.68 0.65 -10.26
CA ILE A 193 -26.67 1.15 -9.28
C ILE A 193 -27.71 2.06 -9.95
N ARG A 194 -27.21 2.90 -10.87
CA ARG A 194 -28.09 3.68 -11.75
C ARG A 194 -29.07 2.80 -12.59
N SER A 195 -28.59 1.66 -13.06
CA SER A 195 -29.44 0.75 -13.82
C SER A 195 -30.54 0.14 -12.98
N LEU A 196 -30.31 0.01 -11.66
CA LEU A 196 -31.32 -0.50 -10.75
C LEU A 196 -32.42 0.53 -10.60
N ALA A 197 -32.03 1.80 -10.43
CA ALA A 197 -32.96 2.91 -10.28
C ALA A 197 -33.80 3.06 -11.58
N GLY A 198 -33.13 2.94 -12.72
CA GLY A 198 -33.79 3.15 -13.99
C GLY A 198 -34.32 1.91 -14.65
N GLU A 199 -34.13 0.77 -14.00
CA GLU A 199 -34.45 -0.56 -14.56
C GLU A 199 -33.97 -0.71 -16.01
N ASP A 200 -32.66 -0.60 -16.20
CA ASP A 200 -32.10 -0.74 -17.52
C ASP A 200 -31.20 -1.98 -17.57
N PRO A 201 -31.73 -3.14 -17.98
CA PRO A 201 -30.94 -4.38 -18.04
C PRO A 201 -29.81 -4.26 -19.04
N THR A 202 -29.97 -3.47 -20.08
CA THR A 202 -28.92 -3.30 -21.08
C THR A 202 -27.67 -2.62 -20.48
N LYS A 203 -27.83 -1.47 -19.84
CA LYS A 203 -26.67 -0.83 -19.23
C LYS A 203 -26.13 -1.69 -18.07
N LEU A 204 -27.00 -2.47 -17.43
CA LEU A 204 -26.58 -3.24 -16.30
C LEU A 204 -25.64 -4.38 -16.77
N ASN A 205 -26.06 -5.12 -17.78
CA ASN A 205 -25.27 -6.23 -18.30
C ASN A 205 -23.94 -5.75 -18.84
N HIS A 206 -23.93 -4.63 -19.54
CA HIS A 206 -22.69 -4.12 -20.08
C HIS A 206 -21.74 -3.70 -18.93
N ALA A 207 -22.27 -2.98 -17.91
CA ALA A 207 -21.43 -2.64 -16.74
C ALA A 207 -20.85 -3.87 -16.02
N VAL A 208 -21.69 -4.90 -15.80
CA VAL A 208 -21.25 -6.15 -15.20
C VAL A 208 -20.12 -6.85 -15.98
N ALA A 209 -20.29 -6.90 -17.31
CA ALA A 209 -19.33 -7.48 -18.27
C ALA A 209 -17.98 -6.83 -18.09
N GLY A 210 -18.00 -5.54 -17.84
CA GLY A 210 -16.82 -4.72 -17.71
C GLY A 210 -15.98 -4.91 -16.43
N LEU A 211 -16.52 -5.51 -15.37
CA LEU A 211 -15.67 -5.96 -14.23
C LEU A 211 -14.59 -6.98 -14.66
N SER A 212 -14.89 -7.82 -15.66
CA SER A 212 -13.95 -8.89 -16.02
C SER A 212 -12.55 -8.43 -16.34
N GLN A 213 -12.38 -7.30 -17.00
CA GLN A 213 -11.02 -6.86 -17.34
C GLN A 213 -10.18 -6.56 -16.10
N VAL A 214 -10.78 -6.21 -14.97
CA VAL A 214 -9.91 -5.86 -13.82
C VAL A 214 -9.12 -6.97 -13.17
N TRP A 215 -9.58 -8.22 -13.29
CA TRP A 215 -8.84 -9.30 -12.67
C TRP A 215 -8.03 -10.20 -13.64
N GLN A 216 -7.90 -9.80 -14.89
CA GLN A 216 -7.08 -10.52 -15.85
C GLN A 216 -5.65 -10.13 -15.53
N TYR A 217 -4.75 -11.11 -15.52
CA TYR A 217 -3.37 -10.76 -15.21
C TYR A 217 -2.78 -9.86 -16.27
N VAL A 218 -1.80 -9.04 -15.88
CA VAL A 218 -1.12 -8.14 -16.80
C VAL A 218 0.37 -8.36 -16.62
N THR A 219 1.16 -7.95 -17.62
CA THR A 219 2.61 -8.01 -17.51
C THR A 219 3.22 -6.62 -17.63
N SER A 220 2.37 -5.60 -17.78
CA SER A 220 2.83 -4.20 -17.87
C SER A 220 1.63 -3.33 -17.54
N GLY A 221 1.88 -2.05 -17.24
CA GLY A 221 0.79 -1.12 -16.99
C GLY A 221 -0.02 -1.45 -15.73
N ASP A 222 -1.30 -1.10 -15.77
CA ASP A 222 -2.15 -1.18 -14.61
C ASP A 222 -2.87 -2.49 -14.47
N GLY A 223 -2.72 -3.13 -13.30
CA GLY A 223 -3.61 -4.21 -12.97
C GLY A 223 -2.94 -5.19 -12.04
N ILE A 224 -3.45 -6.43 -11.95
CA ILE A 224 -2.84 -7.48 -11.09
C ILE A 224 -1.76 -8.28 -11.87
N PHE A 225 -0.54 -8.37 -11.35
CA PHE A 225 0.53 -9.17 -11.99
C PHE A 225 0.52 -10.56 -11.39
N ARG A 226 1.17 -11.52 -12.07
CA ARG A 226 1.19 -12.91 -11.61
C ARG A 226 1.87 -13.10 -10.27
N ASP A 227 2.87 -12.29 -9.95
CA ASP A 227 3.51 -12.37 -8.64
C ASP A 227 2.70 -11.71 -7.54
N GLY A 228 1.50 -11.24 -7.88
CA GLY A 228 0.60 -10.57 -6.93
C GLY A 228 0.75 -9.04 -6.76
N SER A 229 1.68 -8.43 -7.50
CA SER A 229 1.75 -6.96 -7.51
C SER A 229 0.47 -6.36 -8.09
N PHE A 230 0.09 -5.17 -7.58
CA PHE A 230 -0.97 -4.40 -8.22
C PHE A 230 -0.45 -2.99 -8.47
N ILE A 231 -0.50 -2.56 -9.73
CA ILE A 231 -0.12 -1.21 -10.11
C ILE A 231 -1.35 -0.43 -10.62
N GLN A 232 -1.44 0.84 -10.24
CA GLN A 232 -2.43 1.74 -10.78
C GLN A 232 -1.64 2.99 -11.17
N HIS A 233 -2.08 3.69 -12.20
CA HIS A 233 -1.26 4.80 -12.75
C HIS A 233 0.13 4.43 -13.31
N SER A 234 0.23 3.22 -13.88
CA SER A 234 1.45 2.73 -14.59
C SER A 234 2.70 2.45 -13.79
N THR A 235 3.06 3.35 -12.88
CA THR A 235 4.38 3.28 -12.31
C THR A 235 4.41 3.30 -10.76
N THR A 236 3.24 3.16 -10.11
CA THR A 236 3.22 3.22 -8.64
C THR A 236 2.67 1.90 -8.05
N PRO A 237 3.35 1.27 -7.09
CA PRO A 237 2.78 0.11 -6.39
C PRO A 237 1.57 0.61 -5.61
N TYR A 238 0.42 0.00 -5.77
CA TYR A 238 -0.78 0.62 -5.29
C TYR A 238 -1.81 -0.33 -4.71
N THR A 239 -1.38 -1.55 -4.38
CA THR A 239 -2.28 -2.50 -3.71
C THR A 239 -3.07 -1.84 -2.54
N GLY A 240 -2.42 -0.98 -1.79
CA GLY A 240 -2.98 -0.55 -0.49
C GLY A 240 -4.05 0.53 -0.59
N SER A 241 -4.21 1.18 -1.75
CA SER A 241 -5.28 2.17 -1.83
C SER A 241 -6.14 1.94 -3.06
N TYR A 242 -5.59 2.11 -4.27
CA TYR A 242 -6.39 1.77 -5.44
C TYR A 242 -6.77 0.27 -5.41
N GLY A 243 -5.87 -0.57 -4.90
CA GLY A 243 -6.13 -2.01 -4.78
C GLY A 243 -7.39 -2.22 -3.97
N VAL A 244 -7.48 -1.52 -2.85
CA VAL A 244 -8.60 -1.61 -1.92
C VAL A 244 -9.91 -1.06 -2.46
N VAL A 245 -9.84 0.07 -3.19
CA VAL A 245 -11.01 0.56 -3.88
C VAL A 245 -11.61 -0.52 -4.82
N LEU A 246 -10.74 -1.15 -5.62
CA LEU A 246 -11.12 -2.29 -6.43
C LEU A 246 -11.78 -3.44 -5.63
N LEU A 247 -11.11 -3.83 -4.57
CA LEU A 247 -11.53 -4.93 -3.70
C LEU A 247 -12.86 -4.57 -3.07
N THR A 248 -13.01 -3.31 -2.65
CA THR A 248 -14.24 -2.92 -1.95
C THR A 248 -15.40 -2.98 -2.98
N GLY A 249 -15.18 -2.40 -4.15
CA GLY A 249 -16.24 -2.29 -5.12
C GLY A 249 -16.72 -3.67 -5.60
N LEU A 250 -15.78 -4.56 -5.89
CA LEU A 250 -16.14 -5.91 -6.26
C LEU A 250 -16.82 -6.74 -5.14
N SER A 251 -16.38 -6.56 -3.89
CA SER A 251 -17.03 -7.24 -2.76
C SER A 251 -18.53 -6.87 -2.75
N LYS A 252 -18.81 -5.59 -2.99
CA LYS A 252 -20.16 -5.05 -2.79
C LYS A 252 -20.99 -5.49 -4.02
N LEU A 253 -20.39 -5.46 -5.22
CA LEU A 253 -21.17 -5.74 -6.44
C LEU A 253 -21.43 -7.23 -6.60
N PHE A 254 -20.40 -8.03 -6.32
CA PHE A 254 -20.53 -9.49 -6.35
C PHE A 254 -21.65 -9.90 -5.40
N SER A 255 -21.68 -9.27 -4.23
CA SER A 255 -22.60 -9.69 -3.20
C SER A 255 -24.00 -9.27 -3.59
N LEU A 256 -24.13 -8.02 -4.02
CA LEU A 256 -25.37 -7.51 -4.57
C LEU A 256 -26.02 -8.43 -5.63
N LEU A 257 -25.21 -8.88 -6.59
CA LEU A 257 -25.73 -9.51 -7.80
C LEU A 257 -25.82 -11.03 -7.65
N GLY A 258 -25.17 -11.58 -6.63
CA GLY A 258 -25.09 -13.03 -6.49
C GLY A 258 -26.47 -13.62 -6.43
N GLY A 259 -26.68 -14.73 -7.14
CA GLY A 259 -28.01 -15.32 -7.14
C GLY A 259 -29.02 -14.70 -8.10
N THR A 260 -28.67 -13.61 -8.80
CA THR A 260 -29.68 -12.98 -9.64
C THR A 260 -29.47 -13.25 -11.11
N ALA A 261 -30.40 -12.83 -11.95
CA ALA A 261 -30.17 -12.87 -13.40
C ALA A 261 -28.90 -12.12 -13.85
N PHE A 262 -28.33 -11.31 -12.94
CA PHE A 262 -27.12 -10.48 -13.23
C PHE A 262 -25.82 -10.90 -12.55
N GLU A 263 -25.85 -12.07 -11.90
CA GLU A 263 -24.71 -12.67 -11.20
C GLU A 263 -23.42 -12.67 -12.00
N VAL A 264 -22.35 -12.27 -11.34
CA VAL A 264 -21.02 -12.32 -11.93
C VAL A 264 -20.63 -13.79 -12.16
N SER A 265 -20.65 -14.24 -13.41
CA SER A 265 -20.51 -15.66 -13.72
C SER A 265 -19.17 -16.06 -14.38
N ASP A 266 -18.31 -15.06 -14.63
CA ASP A 266 -17.00 -15.26 -15.24
C ASP A 266 -16.08 -16.10 -14.37
N PRO A 267 -15.65 -17.28 -14.84
CA PRO A 267 -14.85 -18.15 -13.98
C PRO A 267 -13.49 -17.56 -13.71
N THR A 268 -13.00 -16.65 -14.57
CA THR A 268 -11.65 -16.10 -14.34
C THR A 268 -11.64 -15.19 -13.13
N ARG A 269 -12.80 -14.85 -12.59
CA ARG A 269 -12.87 -14.07 -11.33
C ARG A 269 -12.13 -14.79 -10.20
N SER A 270 -11.70 -16.04 -10.44
CA SER A 270 -10.99 -16.76 -9.42
C SER A 270 -9.62 -16.13 -9.25
N ILE A 271 -9.16 -15.42 -10.27
CA ILE A 271 -7.89 -14.65 -10.15
C ILE A 271 -8.01 -13.54 -9.04
N PHE A 272 -9.13 -12.84 -9.07
CA PHE A 272 -9.49 -11.88 -8.00
C PHE A 272 -9.54 -12.55 -6.61
N PHE A 273 -10.18 -13.73 -6.52
CA PHE A 273 -10.24 -14.45 -5.24
C PHE A 273 -8.84 -14.85 -4.75
N ASP A 274 -8.00 -15.37 -5.66
CA ASP A 274 -6.60 -15.68 -5.32
C ASP A 274 -5.81 -14.45 -4.80
N ALA A 275 -6.20 -13.26 -5.27
CA ALA A 275 -5.51 -12.01 -4.91
C ALA A 275 -5.69 -11.64 -3.44
N VAL A 276 -6.76 -12.12 -2.82
CA VAL A 276 -6.94 -11.89 -1.36
C VAL A 276 -5.68 -12.30 -0.64
N GLU A 277 -5.20 -13.53 -0.87
CA GLU A 277 -3.98 -13.94 -0.18
C GLU A 277 -2.70 -13.68 -0.95
N GLY A 278 -2.81 -13.64 -2.27
CA GLY A 278 -1.64 -13.45 -3.10
C GLY A 278 -1.18 -11.99 -3.21
N SER A 279 -2.10 -11.04 -3.00
CA SER A 279 -1.80 -9.61 -3.22
C SER A 279 -2.11 -8.82 -1.99
N PHE A 280 -3.33 -8.96 -1.43
CA PHE A 280 -3.76 -8.12 -0.30
C PHE A 280 -3.16 -8.56 1.06
N ALA A 281 -3.30 -9.83 1.46
CA ALA A 281 -2.80 -10.22 2.77
C ALA A 281 -1.30 -9.95 3.05
N PRO A 282 -0.35 -10.17 2.12
CA PRO A 282 1.04 -9.92 2.51
C PRO A 282 1.38 -8.47 2.89
N VAL A 283 0.59 -7.52 2.41
CA VAL A 283 0.90 -6.12 2.67
C VAL A 283 0.00 -5.53 3.78
N MET A 284 -0.81 -6.39 4.42
CA MET A 284 -1.56 -6.06 5.61
C MET A 284 -0.72 -6.38 6.85
N ILE A 285 -0.58 -5.39 7.71
CA ILE A 285 0.27 -5.54 8.90
C ILE A 285 -0.60 -5.13 10.09
N ASN A 286 -1.09 -6.12 10.84
CA ASN A 286 -1.86 -5.80 12.02
C ASN A 286 -3.01 -4.84 11.81
N GLY A 287 -3.74 -5.00 10.69
CA GLY A 287 -4.81 -4.07 10.44
C GLY A 287 -4.55 -2.93 9.44
N ALA A 288 -3.28 -2.67 9.11
CA ALA A 288 -2.90 -1.47 8.32
C ALA A 288 -2.36 -1.88 6.98
N MET A 289 -2.79 -1.24 5.87
CA MET A 289 -2.07 -1.44 4.63
C MET A 289 -0.72 -0.74 4.67
N ALA A 290 0.29 -1.43 4.15
CA ALA A 290 1.64 -0.91 4.17
C ALA A 290 1.72 0.40 3.42
N ASP A 291 2.38 1.37 4.03
CA ASP A 291 2.56 2.69 3.40
C ASP A 291 3.22 2.61 2.04
N ALA A 292 4.16 1.68 1.90
CA ALA A 292 4.84 1.47 0.63
C ALA A 292 3.95 1.08 -0.52
N VAL A 293 2.72 0.63 -0.26
CA VAL A 293 1.83 0.27 -1.36
C VAL A 293 0.57 1.17 -1.47
N ARG A 294 0.60 2.33 -0.80
CA ARG A 294 -0.57 3.16 -0.85
C ARG A 294 -0.27 4.56 -1.44
N GLY A 295 0.87 4.68 -2.15
CA GLY A 295 1.15 5.88 -2.94
C GLY A 295 0.88 7.21 -2.24
N ARG A 296 0.17 8.12 -2.92
CA ARG A 296 0.01 9.49 -2.34
C ARG A 296 -0.87 9.56 -1.05
N SER A 297 -1.57 8.48 -0.71
CA SER A 297 -2.53 8.55 0.40
C SER A 297 -1.86 8.64 1.76
N ILE A 298 -0.55 8.44 1.79
CA ILE A 298 0.21 8.59 3.07
C ILE A 298 0.05 10.06 3.53
N SER A 299 -0.23 10.98 2.58
CA SER A 299 -0.33 12.42 2.94
C SER A 299 -1.70 12.76 3.56
N ARG A 300 -2.55 11.76 3.68
CA ARG A 300 -3.91 12.00 4.14
C ARG A 300 -4.12 11.71 5.62
N GLU A 301 -4.46 12.75 6.40
CA GLU A 301 -4.60 12.51 7.84
C GLU A 301 -5.74 11.58 8.14
N ALA A 302 -6.73 11.54 7.27
CA ALA A 302 -7.90 10.76 7.58
C ALA A 302 -8.23 9.72 6.49
N ASN A 303 -7.19 9.21 5.84
CA ASN A 303 -7.31 8.07 4.94
C ASN A 303 -5.97 7.36 5.13
N THR A 304 -5.81 6.72 6.30
CA THR A 304 -4.53 6.17 6.71
C THR A 304 -4.41 4.70 6.33
N GLY A 305 -3.32 4.08 6.77
CA GLY A 305 -3.07 2.64 6.54
C GLY A 305 -4.15 1.78 7.22
N TYR A 306 -4.62 2.26 8.37
CA TYR A 306 -5.65 1.57 9.12
C TYR A 306 -7.04 1.76 8.52
N ASP A 307 -7.33 2.99 8.07
CA ASP A 307 -8.58 3.21 7.31
C ASP A 307 -8.69 2.24 6.15
N LEU A 308 -7.61 2.19 5.37
CA LEU A 308 -7.53 1.31 4.18
C LEU A 308 -7.53 -0.16 4.52
N GLY A 309 -6.83 -0.54 5.59
CA GLY A 309 -6.82 -1.95 5.95
C GLY A 309 -8.18 -2.37 6.50
N ALA A 310 -8.87 -1.46 7.21
CA ALA A 310 -10.21 -1.75 7.72
C ALA A 310 -11.20 -1.95 6.56
N SER A 311 -11.08 -1.11 5.53
CA SER A 311 -11.88 -1.27 4.32
C SER A 311 -11.59 -2.60 3.67
N ALA A 312 -10.31 -3.00 3.56
CA ALA A 312 -9.92 -4.34 3.06
C ALA A 312 -10.59 -5.53 3.88
N ILE A 313 -10.50 -5.42 5.22
CA ILE A 313 -11.21 -6.36 6.12
C ILE A 313 -12.72 -6.49 5.85
N GLU A 314 -13.43 -5.37 5.80
CA GLU A 314 -14.84 -5.38 5.45
C GLU A 314 -15.08 -6.15 4.15
N ALA A 315 -14.31 -5.80 3.11
CA ALA A 315 -14.51 -6.38 1.79
C ALA A 315 -14.27 -7.90 1.78
N ILE A 316 -13.22 -8.31 2.47
CA ILE A 316 -12.82 -9.72 2.50
C ILE A 316 -13.86 -10.50 3.32
N LEU A 317 -14.34 -9.92 4.42
CA LEU A 317 -15.42 -10.58 5.15
C LEU A 317 -16.70 -10.72 4.29
N LEU A 318 -17.04 -9.66 3.55
CA LEU A 318 -18.17 -9.70 2.63
C LEU A 318 -18.01 -10.80 1.57
N LEU A 319 -16.91 -10.79 0.85
CA LEU A 319 -16.59 -11.86 -0.09
C LEU A 319 -16.58 -13.24 0.49
N ALA A 320 -16.05 -13.40 1.72
CA ALA A 320 -15.92 -14.72 2.33
C ALA A 320 -17.26 -15.47 2.36
N ARG A 321 -18.36 -14.74 2.47
CA ARG A 321 -19.66 -15.37 2.61
C ARG A 321 -20.00 -16.32 1.47
N ALA A 322 -19.45 -16.02 0.30
CA ALA A 322 -19.76 -16.73 -0.93
C ALA A 322 -18.76 -17.82 -1.31
N MET A 323 -17.67 -17.95 -0.56
CA MET A 323 -16.61 -18.87 -0.93
C MET A 323 -16.92 -20.30 -0.42
N ASP A 324 -16.22 -21.30 -0.95
CA ASP A 324 -16.21 -22.65 -0.37
C ASP A 324 -15.76 -22.58 1.08
N PRO A 325 -16.15 -23.58 1.87
CA PRO A 325 -15.88 -23.58 3.30
C PRO A 325 -14.43 -23.40 3.71
N ALA A 326 -13.49 -24.05 3.04
CA ALA A 326 -12.10 -23.90 3.44
C ALA A 326 -11.62 -22.44 3.24
N THR A 327 -11.95 -21.87 2.10
CA THR A 327 -11.44 -20.55 1.72
C THR A 327 -12.13 -19.51 2.64
N ALA A 328 -13.44 -19.65 2.81
CA ALA A 328 -14.19 -18.79 3.77
C ALA A 328 -13.54 -18.72 5.14
N ALA A 329 -13.24 -19.88 5.72
CA ALA A 329 -12.68 -19.93 7.06
C ALA A 329 -11.25 -19.35 7.13
N ARG A 330 -10.43 -19.64 6.13
CA ARG A 330 -9.09 -19.06 6.02
C ARG A 330 -9.15 -17.53 6.02
N TRP A 331 -9.99 -16.96 5.17
CA TRP A 331 -10.10 -15.50 5.06
C TRP A 331 -10.63 -14.90 6.33
N ARG A 332 -11.58 -15.60 6.97
CA ARG A 332 -12.09 -15.16 8.27
C ARG A 332 -11.01 -15.23 9.29
N GLY A 333 -10.19 -16.28 9.25
CA GLY A 333 -9.08 -16.36 10.20
C GLY A 333 -8.11 -15.20 9.97
N LEU A 334 -7.83 -14.85 8.73
CA LEU A 334 -6.90 -13.75 8.47
C LEU A 334 -7.47 -12.45 9.06
N CYS A 335 -8.72 -12.17 8.74
CA CYS A 335 -9.40 -10.98 9.28
C CYS A 335 -9.45 -10.97 10.81
N ALA A 336 -9.72 -12.12 11.46
CA ALA A 336 -9.84 -12.11 12.91
C ALA A 336 -8.51 -11.71 13.53
N GLY A 337 -7.44 -12.14 12.88
CA GLY A 337 -6.10 -11.74 13.19
C GLY A 337 -5.74 -10.27 13.10
N TRP A 338 -6.01 -9.66 11.94
CA TRP A 338 -5.83 -8.21 11.73
C TRP A 338 -6.70 -7.39 12.66
N ILE A 339 -7.88 -7.89 13.00
CA ILE A 339 -8.73 -7.20 13.99
C ILE A 339 -8.13 -7.37 15.41
N ALA A 340 -7.90 -8.60 15.84
CA ALA A 340 -7.48 -8.81 17.24
C ALA A 340 -6.15 -8.18 17.64
N ARG A 341 -5.17 -8.22 16.75
CA ARG A 341 -3.89 -7.58 16.99
C ARG A 341 -3.92 -6.05 16.91
N ASP A 342 -5.03 -5.46 16.45
CA ASP A 342 -5.03 -4.00 16.28
C ASP A 342 -5.73 -3.34 17.45
N THR A 343 -4.99 -3.04 18.51
CA THR A 343 -5.56 -2.27 19.63
C THR A 343 -5.34 -0.75 19.51
N TYR A 344 -4.72 -0.33 18.43
CA TYR A 344 -4.39 1.07 18.18
C TYR A 344 -5.55 1.85 17.48
N ARG A 345 -6.13 1.27 16.44
CA ARG A 345 -7.30 1.86 15.80
C ARG A 345 -8.35 0.78 15.66
N PRO A 346 -9.00 0.37 16.78
CA PRO A 346 -9.88 -0.81 16.74
C PRO A 346 -10.91 -0.63 15.64
N ILE A 347 -11.17 -1.70 14.89
CA ILE A 347 -11.96 -1.52 13.66
C ILE A 347 -13.38 -0.93 13.91
N LEU A 348 -13.92 -1.25 15.08
CA LEU A 348 -15.29 -0.86 15.38
C LEU A 348 -15.35 0.57 15.84
N ASN A 349 -14.22 1.20 16.17
CA ASN A 349 -14.29 2.65 16.44
C ASN A 349 -14.71 3.39 15.14
N SER A 350 -15.77 4.18 15.18
CA SER A 350 -16.30 4.83 13.95
C SER A 350 -16.75 3.95 12.73
N ALA A 351 -16.94 2.66 12.94
CA ALA A 351 -17.42 1.76 11.91
C ALA A 351 -18.86 2.10 11.50
N SER A 352 -19.17 2.00 10.21
CA SER A 352 -20.56 2.10 9.75
C SER A 352 -21.40 0.94 10.31
N VAL A 353 -22.71 0.99 10.08
CA VAL A 353 -23.58 -0.13 10.46
C VAL A 353 -23.25 -1.40 9.67
N PRO A 354 -23.07 -1.34 8.35
CA PRO A 354 -22.63 -2.54 7.61
C PRO A 354 -21.27 -3.11 8.04
N ARG A 355 -20.27 -2.27 8.30
CA ARG A 355 -18.99 -2.79 8.71
C ARG A 355 -19.19 -3.44 10.09
N THR A 356 -19.96 -2.78 10.97
CA THR A 356 -20.24 -3.35 12.31
C THR A 356 -20.85 -4.75 12.19
N ALA A 357 -21.89 -4.89 11.34
CA ALA A 357 -22.53 -6.16 11.09
C ALA A 357 -21.53 -7.26 10.64
N LEU A 358 -20.67 -6.96 9.66
CA LEU A 358 -19.68 -7.99 9.21
C LEU A 358 -18.69 -8.36 10.31
N VAL A 359 -18.27 -7.39 11.11
CA VAL A 359 -17.29 -7.66 12.20
C VAL A 359 -17.99 -8.51 13.30
N LYS A 360 -19.22 -8.16 13.61
CA LYS A 360 -20.06 -8.94 14.53
C LYS A 360 -20.30 -10.35 14.05
N GLN A 361 -20.71 -10.47 12.79
CA GLN A 361 -20.83 -11.78 12.14
C GLN A 361 -19.55 -12.61 12.31
N LEU A 362 -18.38 -12.00 12.08
CA LEU A 362 -17.11 -12.72 12.11
C LEU A 362 -16.91 -13.24 13.52
N GLU A 363 -17.06 -12.35 14.48
CA GLU A 363 -16.92 -12.74 15.86
C GLU A 363 -17.90 -13.91 16.23
N ALA A 364 -19.07 -13.96 15.59
CA ALA A 364 -20.07 -15.04 15.82
C ALA A 364 -19.68 -16.44 15.33
N THR A 365 -18.84 -16.52 14.31
CA THR A 365 -18.33 -17.81 13.82
C THR A 365 -17.36 -18.43 14.82
N GLY A 366 -16.76 -17.63 15.69
CA GLY A 366 -15.78 -18.16 16.61
C GLY A 366 -14.43 -18.49 15.93
N VAL A 367 -14.30 -18.29 14.61
CA VAL A 367 -13.03 -18.53 13.89
C VAL A 367 -11.84 -17.87 14.62
N ALA A 368 -10.78 -18.65 14.86
CA ALA A 368 -9.61 -18.17 15.60
C ALA A 368 -8.75 -17.25 14.68
N PRO A 369 -8.05 -16.32 15.30
CA PRO A 369 -7.20 -15.37 14.59
C PRO A 369 -5.97 -16.05 14.03
N VAL A 370 -5.71 -15.91 12.74
CA VAL A 370 -4.49 -16.40 12.12
C VAL A 370 -3.40 -15.33 12.26
N ALA A 371 -2.22 -15.77 12.70
CA ALA A 371 -1.01 -14.94 12.83
C ALA A 371 -0.40 -14.66 11.46
N GLU A 372 0.40 -13.59 11.37
CA GLU A 372 1.04 -13.27 10.12
C GLU A 372 2.23 -14.19 9.97
N ALA A 373 2.32 -14.87 8.85
CA ALA A 373 3.43 -15.85 8.76
C ALA A 373 4.81 -15.17 8.65
N THR A 374 5.77 -15.64 9.44
CA THR A 374 7.18 -15.22 9.31
C THR A 374 7.72 -15.56 7.93
N GLY A 375 8.77 -14.86 7.52
CA GLY A 375 9.34 -15.12 6.21
C GLY A 375 9.15 -13.98 5.20
N HIS A 376 9.28 -14.29 3.90
CA HIS A 376 9.48 -13.26 2.86
C HIS A 376 8.41 -13.37 1.84
N LYS A 377 7.87 -12.25 1.40
CA LYS A 377 6.97 -12.23 0.26
C LYS A 377 7.48 -11.11 -0.67
N LEU A 378 7.80 -11.46 -1.92
CA LEU A 378 8.53 -10.56 -2.79
C LEU A 378 7.56 -10.17 -3.87
N PHE A 379 7.59 -8.90 -4.31
CA PHE A 379 6.72 -8.47 -5.38
C PHE A 379 7.60 -7.74 -6.38
N PRO A 380 8.38 -8.49 -7.16
CA PRO A 380 9.32 -7.87 -8.09
C PRO A 380 8.64 -7.00 -9.13
N ALA A 381 7.42 -7.28 -9.56
CA ALA A 381 6.81 -6.42 -10.56
C ALA A 381 6.55 -4.99 -10.05
N MET A 382 6.45 -4.80 -8.76
CA MET A 382 6.21 -3.42 -8.25
C MET A 382 7.30 -2.94 -7.33
N ASP A 383 8.48 -3.57 -7.36
CA ASP A 383 9.64 -3.14 -6.57
C ASP A 383 9.35 -3.05 -5.06
N ARG A 384 8.63 -4.04 -4.55
CA ARG A 384 8.25 -4.06 -3.13
C ARG A 384 8.56 -5.43 -2.54
N THR A 385 9.05 -5.48 -1.30
CA THR A 385 9.23 -6.77 -0.62
C THR A 385 8.77 -6.64 0.83
N MET A 386 8.28 -7.77 1.40
CA MET A 386 7.81 -7.87 2.78
C MET A 386 8.56 -8.98 3.49
N HIS A 387 8.93 -8.70 4.72
CA HIS A 387 9.74 -9.59 5.52
C HIS A 387 9.17 -9.58 6.91
N ARG A 388 8.99 -10.78 7.51
CA ARG A 388 8.50 -10.90 8.87
C ARG A 388 9.32 -11.80 9.75
N GLY A 389 9.39 -11.41 11.03
CA GLY A 389 9.86 -12.27 12.11
C GLY A 389 9.04 -11.99 13.35
N PRO A 390 9.28 -12.71 14.45
CA PRO A 390 8.56 -12.44 15.72
C PRO A 390 8.61 -10.98 16.14
N GLY A 391 7.45 -10.31 16.18
CA GLY A 391 7.41 -8.92 16.60
C GLY A 391 7.60 -7.84 15.54
N TRP A 392 7.85 -8.20 14.28
CA TRP A 392 8.17 -7.18 13.26
C TRP A 392 7.80 -7.52 11.83
N ALA A 393 7.67 -6.49 11.01
CA ALA A 393 7.40 -6.69 9.59
C ALA A 393 8.18 -5.59 8.90
N LEU A 394 9.13 -5.97 8.08
CA LEU A 394 9.87 -4.94 7.34
C LEU A 394 9.29 -4.81 5.95
N SER A 395 9.04 -3.57 5.55
CA SER A 395 8.56 -3.23 4.20
C SER A 395 9.64 -2.37 3.55
N LEU A 396 10.30 -2.88 2.50
CA LEU A 396 11.22 -2.08 1.69
C LEU A 396 10.48 -1.35 0.51
N ALA A 397 10.81 -0.07 0.24
CA ALA A 397 10.19 0.71 -0.86
C ALA A 397 11.30 1.15 -1.85
N LEU A 398 11.27 0.59 -3.05
CA LEU A 398 12.31 0.82 -4.03
C LEU A 398 11.72 1.61 -5.20
N SER A 399 12.53 1.89 -6.23
CA SER A 399 12.05 2.52 -7.46
C SER A 399 13.07 2.05 -8.51
N SER A 400 12.79 2.20 -9.77
CA SER A 400 13.64 1.60 -10.79
C SER A 400 13.10 2.12 -12.11
N ASN A 401 13.61 1.60 -13.23
CA ASN A 401 13.17 2.04 -14.55
C ASN A 401 11.77 1.59 -14.86
N ARG A 402 11.17 0.85 -13.94
CA ARG A 402 9.76 0.48 -14.03
C ARG A 402 8.84 1.22 -13.03
N ILE A 403 9.39 1.61 -11.87
CA ILE A 403 8.58 2.09 -10.77
C ILE A 403 9.00 3.53 -10.38
N ALA A 404 8.06 4.46 -10.38
CA ALA A 404 8.35 5.86 -10.00
C ALA A 404 8.89 6.06 -8.57
N TRP A 405 9.70 7.10 -8.37
CA TRP A 405 10.19 7.44 -7.03
C TRP A 405 8.96 7.67 -6.09
N TYR A 406 7.91 8.29 -6.64
CA TYR A 406 6.65 8.58 -5.91
C TYR A 406 5.55 9.13 -6.78
N GLU A 407 4.32 9.14 -6.24
CA GLU A 407 3.21 9.80 -6.88
C GLU A 407 2.78 10.98 -5.99
N CYS A 408 2.70 12.17 -6.62
CA CYS A 408 1.98 13.31 -6.11
C CYS A 408 0.96 13.70 -7.14
N GLY A 409 -0.08 14.38 -6.66
CA GLY A 409 -1.20 14.80 -7.49
C GLY A 409 -2.30 15.43 -6.64
N ASN A 410 -3.08 16.33 -7.25
CA ASN A 410 -4.18 17.01 -6.57
C ASN A 410 -3.79 17.62 -5.26
N GLY A 411 -2.57 18.12 -5.16
CA GLY A 411 -2.07 18.73 -3.95
C GLY A 411 -1.74 17.77 -2.81
N GLU A 412 -1.46 16.50 -3.14
CA GLU A 412 -1.20 15.47 -2.14
C GLU A 412 0.19 14.85 -2.33
N ASN A 413 0.97 14.71 -1.24
CA ASN A 413 2.25 14.00 -1.30
C ASN A 413 3.29 14.69 -2.17
N ASN A 414 3.14 16.01 -2.33
CA ASN A 414 4.09 16.80 -3.13
C ASN A 414 5.53 16.72 -2.60
N ARG A 415 5.69 16.42 -1.31
CA ARG A 415 7.01 16.32 -0.71
C ARG A 415 7.58 14.87 -0.65
N GLY A 416 6.91 13.92 -1.29
CA GLY A 416 7.20 12.52 -1.02
C GLY A 416 8.29 11.94 -1.91
N TYR A 417 9.23 12.78 -2.39
CA TYR A 417 10.13 12.40 -3.50
C TYR A 417 11.28 11.41 -3.12
N HIS A 418 11.50 11.22 -1.82
CA HIS A 418 12.50 10.30 -1.33
C HIS A 418 11.85 8.99 -0.84
N THR A 419 10.52 8.87 -0.97
CA THR A 419 9.86 7.67 -0.38
C THR A 419 10.16 6.37 -1.13
N GLY A 420 10.65 6.48 -2.38
CA GLY A 420 11.13 5.34 -3.17
C GLY A 420 12.64 5.20 -3.23
N SER A 421 13.31 5.79 -2.24
CA SER A 421 14.80 5.81 -2.18
C SER A 421 15.43 4.70 -1.30
N GLY A 422 14.80 3.52 -1.27
CA GLY A 422 15.16 2.48 -0.32
C GLY A 422 14.69 2.67 1.13
N MET A 423 13.39 2.95 1.34
CA MET A 423 12.91 3.07 2.71
C MET A 423 12.84 1.69 3.36
N THR A 424 13.20 1.63 4.65
CA THR A 424 13.06 0.46 5.53
C THR A 424 12.05 0.78 6.62
N TYR A 425 10.79 0.48 6.34
CA TYR A 425 9.71 0.57 7.32
C TYR A 425 9.80 -0.64 8.25
N PHE A 426 10.14 -0.44 9.51
CA PHE A 426 10.01 -1.56 10.42
C PHE A 426 8.72 -1.37 11.16
N TYR A 427 7.71 -2.18 10.84
CA TYR A 427 6.46 -2.16 11.61
C TYR A 427 6.66 -3.07 12.82
N THR A 428 6.17 -2.66 13.97
CA THR A 428 6.32 -3.45 15.21
C THR A 428 5.06 -3.32 16.08
N SER A 429 5.15 -3.66 17.38
CA SER A 429 4.01 -3.47 18.29
C SER A 429 3.75 -1.98 18.55
N ASP A 430 4.66 -1.11 18.12
CA ASP A 430 4.36 0.29 18.09
C ASP A 430 3.47 0.48 16.86
N LEU A 431 2.16 0.20 17.03
CA LEU A 431 1.21 0.18 15.92
C LEU A 431 1.02 1.56 15.30
N GLY A 432 1.24 2.60 16.10
CA GLY A 432 1.22 3.99 15.66
C GLY A 432 2.49 4.55 15.02
N GLN A 433 3.53 3.73 14.83
CA GLN A 433 4.81 4.23 14.32
C GLN A 433 4.64 5.18 13.13
N TYR A 434 3.99 4.67 12.09
CA TYR A 434 3.80 5.44 10.87
C TYR A 434 2.51 6.20 10.72
N ASP A 435 1.66 6.12 11.75
CA ASP A 435 0.31 6.67 11.72
C ASP A 435 0.04 7.90 12.56
N ASP A 436 0.82 8.00 13.62
CA ASP A 436 0.70 9.03 14.64
C ASP A 436 1.38 10.32 14.18
N ALA A 437 0.83 10.96 13.15
CA ALA A 437 1.38 12.18 12.57
C ALA A 437 2.83 12.02 12.07
N PHE A 438 3.21 10.81 11.76
CA PHE A 438 4.50 10.56 11.15
C PHE A 438 4.56 11.35 9.84
N TRP A 439 3.57 11.26 8.98
CA TRP A 439 3.78 11.95 7.76
C TRP A 439 3.54 13.46 7.83
N ALA A 440 2.98 13.95 8.95
CA ALA A 440 2.93 15.41 9.15
C ALA A 440 4.27 15.96 9.68
N THR A 441 4.95 15.19 10.52
CA THR A 441 6.11 15.72 11.24
C THR A 441 7.47 15.24 10.71
N ALA A 442 7.52 14.09 10.05
CA ALA A 442 8.81 13.51 9.62
C ALA A 442 9.63 14.37 8.70
N ASN A 443 10.94 14.16 8.77
CA ASN A 443 11.91 14.76 7.85
C ASN A 443 11.91 13.95 6.58
N TYR A 444 11.33 14.54 5.56
CA TYR A 444 11.15 13.90 4.29
C TYR A 444 12.48 13.80 3.53
N ASN A 445 13.59 14.12 4.23
CA ASN A 445 14.92 14.08 3.62
C ASN A 445 15.79 13.16 4.39
N ARG A 446 15.24 12.68 5.49
CA ARG A 446 15.83 11.58 6.23
C ARG A 446 14.82 10.49 6.57
N LEU A 447 14.05 10.08 5.60
CA LEU A 447 13.16 8.95 5.82
C LEU A 447 13.95 7.66 6.12
N PRO A 448 13.45 6.74 6.96
CA PRO A 448 14.30 5.61 7.41
C PRO A 448 14.79 4.75 6.24
N GLY A 449 16.09 4.44 6.24
CA GLY A 449 16.67 3.51 5.29
C GLY A 449 17.26 4.14 4.05
N ILE A 450 16.85 5.37 3.74
CA ILE A 450 17.17 5.91 2.41
C ILE A 450 18.63 6.33 2.31
N THR A 451 19.14 6.40 1.08
CA THR A 451 20.38 7.13 0.88
C THR A 451 19.93 8.40 0.21
N VAL A 452 20.53 9.54 0.62
CA VAL A 452 19.93 10.84 0.25
C VAL A 452 20.95 11.94 -0.01
N ASP A 453 20.85 12.54 -1.18
CA ASP A 453 21.62 13.75 -1.53
C ASP A 453 20.90 14.94 -0.91
N THR A 454 21.56 15.63 0.00
CA THR A 454 20.93 16.73 0.77
C THR A 454 20.59 18.04 0.04
N THR A 455 20.80 18.09 -1.27
CA THR A 455 20.24 19.18 -2.07
C THR A 455 18.71 19.24 -1.85
N PRO A 456 18.20 20.40 -1.41
CA PRO A 456 16.76 20.61 -1.31
C PRO A 456 16.12 20.44 -2.64
N LEU A 457 14.98 19.77 -2.68
CA LEU A 457 14.25 19.58 -3.91
C LEU A 457 12.92 20.30 -3.81
N PRO A 458 12.41 20.80 -4.94
CA PRO A 458 11.11 21.46 -4.95
C PRO A 458 9.97 20.44 -4.81
N ASP A 459 8.89 20.87 -4.18
CA ASP A 459 7.65 20.12 -4.19
C ASP A 459 7.28 19.73 -5.64
N LYS A 460 6.87 18.47 -5.83
CA LYS A 460 6.51 17.99 -7.15
C LYS A 460 7.70 17.78 -8.11
N VAL A 461 8.92 17.78 -7.60
CA VAL A 461 10.11 17.45 -8.42
C VAL A 461 9.83 16.10 -9.13
N GLU A 462 10.32 15.93 -10.37
CA GLU A 462 10.00 14.78 -11.24
C GLU A 462 8.56 14.76 -11.78
N GLY A 463 7.73 15.67 -11.30
CA GLY A 463 6.43 15.76 -11.90
C GLY A 463 5.41 14.98 -11.12
N GLN A 464 4.15 15.28 -11.40
CA GLN A 464 3.01 14.61 -10.80
C GLN A 464 2.71 13.27 -11.49
N TRP A 465 1.95 12.43 -10.77
CA TRP A 465 1.39 11.21 -11.32
C TRP A 465 2.42 10.17 -11.78
N GLY A 466 3.57 10.15 -11.10
CA GLY A 466 4.64 9.18 -11.35
C GLY A 466 5.10 9.13 -12.80
N ALA A 467 5.04 10.28 -13.44
CA ALA A 467 5.35 10.40 -14.85
C ALA A 467 6.83 10.16 -15.11
N ALA A 468 7.71 10.34 -14.10
CA ALA A 468 9.10 9.95 -14.29
C ALA A 468 9.58 8.82 -13.39
N VAL A 469 10.45 7.95 -13.94
CA VAL A 469 11.05 6.82 -13.22
C VAL A 469 12.56 6.97 -13.30
N PRO A 470 13.29 6.50 -12.30
CA PRO A 470 14.74 6.58 -12.34
C PRO A 470 15.29 5.61 -13.42
N ALA A 471 16.27 6.06 -14.20
CA ALA A 471 16.87 5.20 -15.25
C ALA A 471 17.97 4.42 -14.59
N ASP A 472 17.60 3.40 -13.82
CA ASP A 472 18.61 2.76 -12.99
C ASP A 472 18.93 1.43 -13.65
N GLU A 473 19.84 0.70 -13.04
CA GLU A 473 20.34 -0.53 -13.63
C GLU A 473 19.37 -1.67 -13.32
N TRP A 474 18.98 -1.80 -12.04
CA TRP A 474 17.92 -2.73 -11.61
C TRP A 474 17.54 -2.54 -10.14
N SER A 475 16.35 -3.07 -9.81
CA SER A 475 15.96 -3.28 -8.44
C SER A 475 15.24 -4.61 -8.51
N GLY A 476 15.39 -5.37 -7.45
CA GLY A 476 14.87 -6.73 -7.40
C GLY A 476 15.25 -7.47 -6.15
N ALA A 477 14.85 -8.75 -6.14
CA ALA A 477 15.03 -9.56 -4.93
C ALA A 477 14.93 -11.07 -5.21
N THR A 478 15.36 -11.87 -4.24
CA THR A 478 15.05 -13.30 -4.23
C THR A 478 15.15 -13.75 -2.79
N ALA A 479 14.70 -14.96 -2.46
CA ALA A 479 14.79 -15.46 -1.11
C ALA A 479 14.85 -16.99 -1.14
N LEU A 480 15.51 -17.57 -0.15
CA LEU A 480 15.58 -19.02 0.02
C LEU A 480 15.28 -19.23 1.48
N GLY A 481 14.20 -19.95 1.79
CA GLY A 481 13.83 -20.16 3.17
C GLY A 481 13.83 -18.90 4.01
N GLU A 482 14.57 -18.89 5.12
CA GLU A 482 14.50 -17.76 6.05
C GLU A 482 15.31 -16.52 5.63
N VAL A 483 15.94 -16.56 4.45
CA VAL A 483 16.86 -15.47 4.12
C VAL A 483 16.52 -14.88 2.77
N ALA A 484 16.40 -13.54 2.74
CA ALA A 484 16.17 -12.82 1.50
C ALA A 484 17.33 -11.90 1.10
N ALA A 485 17.42 -11.63 -0.21
CA ALA A 485 18.39 -10.69 -0.79
C ALA A 485 17.71 -9.68 -1.68
N VAL A 486 17.79 -8.40 -1.31
CA VAL A 486 17.13 -7.34 -2.03
C VAL A 486 18.14 -6.28 -2.45
N GLY A 487 18.02 -5.78 -3.66
CA GLY A 487 18.98 -4.77 -4.06
C GLY A 487 18.34 -3.72 -4.88
N GLN A 488 18.88 -2.51 -4.75
CA GLN A 488 18.37 -1.41 -5.50
C GLN A 488 19.55 -0.52 -5.95
N HIS A 489 19.60 -0.23 -7.24
CA HIS A 489 20.51 0.79 -7.73
C HIS A 489 19.72 2.07 -7.58
N LEU A 490 20.05 2.88 -6.59
CA LEU A 490 19.32 4.14 -6.39
C LEU A 490 19.87 5.22 -7.31
N VAL A 491 19.01 5.78 -8.19
CA VAL A 491 19.31 7.03 -8.92
C VAL A 491 18.49 8.15 -8.26
N GLY A 492 19.17 9.20 -7.79
CA GLY A 492 18.49 10.27 -7.03
C GLY A 492 17.44 11.05 -7.83
N PRO A 493 16.34 11.47 -7.20
CA PRO A 493 15.38 12.34 -7.88
C PRO A 493 15.93 13.81 -8.02
N GLY A 494 15.41 14.57 -8.97
CA GLY A 494 15.77 15.97 -9.10
C GLY A 494 17.13 16.25 -9.72
N ARG A 495 17.57 15.29 -10.54
CA ARG A 495 18.74 15.39 -11.39
C ARG A 495 20.00 15.82 -10.70
N THR A 496 20.20 15.34 -9.46
CA THR A 496 21.38 15.68 -8.71
C THR A 496 22.57 14.84 -9.21
N GLY A 497 22.26 13.70 -9.83
CA GLY A 497 23.27 12.71 -10.19
C GLY A 497 23.61 11.83 -8.99
N LEU A 498 22.77 11.80 -7.98
CA LEU A 498 23.10 10.87 -6.91
C LEU A 498 22.99 9.41 -7.49
N THR A 499 23.92 8.54 -7.08
CA THR A 499 23.85 7.09 -7.45
C THR A 499 24.32 6.28 -6.25
N ALA A 500 23.64 5.16 -5.95
CA ALA A 500 24.06 4.35 -4.79
C ALA A 500 23.64 2.91 -5.03
N ARG A 501 24.34 1.98 -4.41
CA ARG A 501 23.99 0.57 -4.60
C ARG A 501 23.61 0.10 -3.28
N LYS A 502 22.29 -0.06 -3.09
CA LYS A 502 21.74 -0.42 -1.80
C LYS A 502 21.24 -1.87 -1.82
N SER A 503 21.64 -2.64 -0.82
CA SER A 503 21.17 -4.01 -0.69
C SER A 503 20.76 -4.33 0.73
N TRP A 504 19.82 -5.26 0.83
CA TRP A 504 19.34 -5.69 2.12
C TRP A 504 19.34 -7.22 2.17
N PHE A 505 19.84 -7.76 3.26
CA PHE A 505 19.90 -9.18 3.51
C PHE A 505 19.18 -9.44 4.82
N VAL A 506 17.97 -10.01 4.68
CA VAL A 506 16.97 -10.09 5.75
C VAL A 506 16.85 -11.56 6.17
N SER A 507 17.24 -11.87 7.41
CA SER A 507 16.97 -13.18 8.00
C SER A 507 15.63 -13.20 8.75
N GLY A 508 15.45 -14.23 9.57
CA GLY A 508 14.33 -14.38 10.46
C GLY A 508 14.27 -13.39 11.60
N ASP A 509 15.37 -12.69 11.93
CA ASP A 509 15.32 -11.62 12.94
C ASP A 509 16.07 -10.36 12.60
N VAL A 510 17.20 -10.49 11.91
CA VAL A 510 18.07 -9.31 11.64
C VAL A 510 18.06 -8.87 10.16
N THR A 511 18.27 -7.59 9.92
CA THR A 511 18.29 -7.08 8.56
C THR A 511 19.63 -6.41 8.39
N VAL A 512 20.42 -6.88 7.43
CA VAL A 512 21.77 -6.29 7.18
C VAL A 512 21.67 -5.40 5.96
N CYS A 513 22.09 -4.15 6.11
CA CYS A 513 21.96 -3.18 5.04
C CYS A 513 23.34 -2.77 4.53
N LEU A 514 23.59 -2.94 3.24
CA LEU A 514 24.91 -2.57 2.72
C LEU A 514 24.76 -1.57 1.60
N GLY A 515 25.70 -0.63 1.53
CA GLY A 515 25.69 0.36 0.49
C GLY A 515 27.13 0.50 -0.01
N ALA A 516 27.26 0.71 -1.30
CA ALA A 516 28.57 0.81 -1.94
C ALA A 516 28.44 1.71 -3.12
N ASP A 517 29.55 2.25 -3.62
CA ASP A 517 29.53 2.94 -4.92
C ASP A 517 28.69 4.25 -4.96
N ILE A 518 28.65 4.96 -3.83
CA ILE A 518 27.89 6.21 -3.63
C ILE A 518 28.66 7.46 -4.07
N SER A 519 28.08 8.17 -5.01
CA SER A 519 28.62 9.43 -5.48
C SER A 519 27.45 10.34 -5.81
N THR A 520 27.74 11.60 -6.14
CA THR A 520 26.75 12.51 -6.71
C THR A 520 27.44 13.65 -7.50
N ALA A 521 26.67 14.34 -8.35
CA ALA A 521 27.16 15.45 -9.17
C ALA A 521 26.84 16.84 -8.59
N SER A 522 26.15 16.88 -7.44
CA SER A 522 25.54 18.12 -6.96
C SER A 522 26.44 18.99 -6.09
N GLY A 523 27.52 18.44 -5.56
CA GLY A 523 28.35 19.11 -4.56
C GLY A 523 27.83 19.12 -3.14
N ALA A 524 26.63 18.61 -2.94
CA ALA A 524 26.10 18.54 -1.58
C ALA A 524 26.50 17.24 -0.89
N LYS A 525 26.50 17.28 0.44
CA LYS A 525 26.62 16.12 1.30
C LYS A 525 25.57 15.07 0.94
N VAL A 526 25.93 13.81 1.12
CA VAL A 526 25.01 12.68 0.91
C VAL A 526 24.96 11.93 2.24
N GLU A 527 23.74 11.58 2.69
CA GLU A 527 23.58 10.78 3.89
C GLU A 527 22.93 9.42 3.58
N THR A 528 23.08 8.51 4.53
CA THR A 528 22.26 7.30 4.56
C THR A 528 21.66 7.14 5.94
N ILE A 529 20.36 6.83 5.98
CA ILE A 529 19.61 6.94 7.22
C ILE A 529 19.43 5.57 7.83
N VAL A 530 20.19 5.26 8.86
CA VAL A 530 19.93 4.04 9.59
C VAL A 530 18.46 3.98 10.13
N ASP A 531 17.93 5.09 10.65
CA ASP A 531 16.54 5.11 11.11
C ASP A 531 16.10 6.53 11.36
N HIS A 532 14.78 6.75 11.32
CA HIS A 532 14.18 8.03 11.67
C HIS A 532 12.87 7.50 12.25
N ARG A 533 12.87 7.35 13.58
CA ARG A 533 11.83 6.61 14.29
C ARG A 533 10.98 7.58 15.16
N ASN A 534 9.66 7.53 14.95
CA ASN A 534 8.64 8.29 15.70
C ASN A 534 8.64 7.76 17.13
N LEU A 535 9.03 8.62 18.06
CA LEU A 535 8.97 8.30 19.50
C LEU A 535 7.66 8.79 20.17
N HIS A 536 6.78 9.41 19.37
CA HIS A 536 5.52 10.00 19.87
C HIS A 536 5.85 11.13 20.88
N GLN A 537 5.59 10.93 22.18
CA GLN A 537 5.89 12.00 23.15
C GLN A 537 6.96 11.46 24.12
N GLY A 538 7.62 10.38 23.70
CA GLY A 538 8.51 9.65 24.57
C GLY A 538 9.89 10.27 24.53
N SER A 539 10.66 9.97 25.56
CA SER A 539 12.10 10.30 25.64
C SER A 539 12.85 8.94 25.76
N ASN A 540 12.55 8.05 24.81
CA ASN A 540 13.12 6.69 24.76
C ASN A 540 14.63 6.76 24.80
N THR A 541 15.25 5.92 25.63
CA THR A 541 16.68 5.94 25.82
C THR A 541 17.48 5.31 24.66
N LEU A 542 18.59 5.95 24.32
CA LEU A 542 19.49 5.47 23.28
C LEU A 542 20.77 5.08 24.00
N THR A 543 20.94 3.77 24.13
CA THR A 543 21.86 3.14 25.05
C THR A 543 23.08 2.66 24.25
N THR A 544 24.28 2.90 24.78
CA THR A 544 25.49 2.43 24.06
C THR A 544 26.42 1.62 24.96
N ALA A 545 27.56 1.22 24.39
CA ALA A 545 28.59 0.54 25.19
C ALA A 545 29.09 1.47 26.30
N ALA A 546 29.31 2.74 25.96
CA ALA A 546 29.73 3.78 26.90
C ALA A 546 28.67 4.06 28.00
N GLY A 547 27.41 4.11 27.57
CA GLY A 547 26.28 4.30 28.48
C GLY A 547 25.04 4.72 27.71
N THR A 548 24.90 6.02 27.47
CA THR A 548 23.83 6.56 26.62
C THR A 548 24.35 7.60 25.68
N ILE A 549 23.60 7.83 24.61
CA ILE A 549 23.90 8.87 23.64
C ILE A 549 22.65 9.74 23.34
N ALA A 550 22.89 10.96 22.88
CA ALA A 550 21.83 11.83 22.38
C ALA A 550 20.73 12.11 23.42
N GLY A 551 21.16 12.34 24.66
CA GLY A 551 20.27 12.68 25.75
C GLY A 551 19.63 14.03 25.54
N THR A 552 20.31 14.93 24.85
CA THR A 552 19.78 16.26 24.66
C THR A 552 19.18 16.44 23.29
N ALA A 553 17.97 17.00 23.25
CA ALA A 553 17.24 17.12 22.00
C ALA A 553 17.85 18.25 21.19
N GLY A 554 18.18 17.97 19.94
CA GLY A 554 18.68 19.01 19.05
C GLY A 554 20.20 18.99 18.92
N THR A 555 20.86 18.27 19.82
CA THR A 555 22.33 18.16 19.81
C THR A 555 22.74 16.78 19.30
N VAL A 556 23.01 16.71 18.02
CA VAL A 556 23.54 15.49 17.38
C VAL A 556 24.87 15.04 18.00
N GLU A 557 24.99 13.74 18.27
CA GLU A 557 26.22 13.18 18.82
C GLU A 557 26.70 12.03 17.95
N VAL A 558 28.00 11.72 18.05
CA VAL A 558 28.68 10.70 17.24
C VAL A 558 29.01 9.51 18.13
N LEU A 559 28.64 8.31 17.70
CA LEU A 559 28.76 7.12 18.55
C LEU A 559 30.13 6.89 19.19
N GLY A 560 31.07 6.35 18.44
CA GLY A 560 32.26 5.83 19.06
C GLY A 560 32.35 4.33 18.81
N ASP A 561 33.22 3.70 19.58
CA ASP A 561 33.86 2.52 19.03
C ASP A 561 33.37 1.22 19.65
N GLY A 562 32.23 1.31 20.35
CA GLY A 562 31.45 0.12 20.74
C GLY A 562 30.62 -0.39 19.56
N ARG A 563 30.26 0.53 18.66
CA ARG A 563 29.60 0.25 17.36
C ARG A 563 28.12 -0.19 17.34
N TRP A 564 27.51 -0.35 18.50
CA TRP A 564 26.09 -0.72 18.56
C TRP A 564 25.31 0.31 19.37
N VAL A 565 24.10 0.61 18.93
CA VAL A 565 23.18 1.41 19.76
C VAL A 565 21.80 0.73 19.97
N HIS A 566 21.23 0.90 21.16
CA HIS A 566 19.91 0.33 21.42
C HIS A 566 18.92 1.45 21.68
N LEU A 567 17.77 1.40 20.99
CA LEU A 567 16.66 2.35 21.20
C LEU A 567 15.57 1.69 22.03
N GLU A 568 15.33 2.26 23.21
CA GLU A 568 14.25 1.81 24.10
C GLU A 568 12.93 1.62 23.34
N GLY A 569 12.33 0.44 23.44
CA GLY A 569 11.00 0.19 22.88
C GLY A 569 11.01 -0.19 21.40
N PHE A 570 12.17 -0.08 20.76
CA PHE A 570 12.32 -0.60 19.41
C PHE A 570 13.21 -1.84 19.26
N GLY A 571 14.50 -1.69 19.57
CA GLY A 571 15.48 -2.74 19.35
C GLY A 571 16.84 -2.13 19.07
N GLY A 572 17.74 -2.93 18.47
CA GLY A 572 19.13 -2.54 18.27
C GLY A 572 19.59 -2.24 16.86
N TYR A 573 20.67 -1.49 16.82
CA TYR A 573 21.29 -1.05 15.59
C TYR A 573 22.79 -1.28 15.83
N ALA A 574 23.51 -1.56 14.76
CA ALA A 574 24.92 -1.92 14.88
C ALA A 574 25.70 -1.66 13.61
N MET A 575 26.86 -1.04 13.77
CA MET A 575 27.68 -0.68 12.62
C MET A 575 28.54 -1.87 12.17
N LEU A 576 28.51 -2.17 10.88
CA LEU A 576 29.27 -3.30 10.38
C LEU A 576 30.57 -2.83 9.71
N ASP A 577 30.90 -1.54 9.90
CA ASP A 577 32.18 -0.97 9.47
C ASP A 577 32.60 0.09 10.50
N ASP A 578 33.65 0.86 10.24
CA ASP A 578 34.13 1.79 11.26
C ASP A 578 33.71 3.26 10.97
N SER A 579 32.86 3.47 9.95
CA SER A 579 32.09 4.70 9.73
C SER A 579 31.66 5.33 11.09
N PRO A 580 31.54 6.67 11.14
CA PRO A 580 30.87 7.35 12.26
C PRO A 580 29.34 7.20 12.21
N LEU A 581 28.73 6.88 13.34
CA LEU A 581 27.26 6.92 13.46
C LEU A 581 26.82 8.21 14.16
N HIS A 582 26.04 9.02 13.43
CA HIS A 582 25.46 10.25 13.97
C HIS A 582 24.07 9.96 14.52
N VAL A 583 23.89 10.24 15.81
CA VAL A 583 22.63 10.03 16.54
C VAL A 583 22.01 11.36 16.99
N LEU A 584 20.77 11.64 16.54
CA LEU A 584 20.09 12.86 16.92
C LEU A 584 18.75 12.55 17.61
N ARG A 585 18.53 13.11 18.79
CA ARG A 585 17.19 13.17 19.36
C ARG A 585 16.60 14.49 18.90
N GLU A 586 15.48 14.47 18.16
CA GLU A 586 14.85 15.73 17.77
C GLU A 586 13.32 15.81 18.09
N THR A 587 12.85 17.05 18.20
CA THR A 587 11.44 17.38 18.32
C THR A 587 11.02 18.09 17.02
N ARG A 588 10.04 17.52 16.35
CA ARG A 588 9.60 18.02 15.04
C ARG A 588 8.14 18.43 15.05
N SER A 589 7.81 19.46 14.28
CA SER A 589 6.44 19.94 14.12
C SER A 589 6.01 20.08 12.69
N GLY A 590 4.71 19.95 12.46
CA GLY A 590 4.16 20.23 11.16
C GLY A 590 2.67 19.96 11.19
N SER A 591 1.97 20.42 10.16
CA SER A 591 0.56 20.24 10.07
C SER A 591 0.28 19.37 8.87
N TRP A 592 -0.85 18.69 8.87
CA TRP A 592 -1.16 17.92 7.68
C TRP A 592 -1.40 18.82 6.48
N SER A 593 -1.77 20.09 6.74
CA SER A 593 -1.85 21.07 5.65
C SER A 593 -0.51 21.26 4.96
N GLY A 594 0.58 20.99 5.68
CA GLY A 594 1.93 21.08 5.12
C GLY A 594 2.29 20.01 4.07
N VAL A 595 1.57 18.88 4.06
CA VAL A 595 1.82 17.78 3.10
C VAL A 595 0.61 17.42 2.19
N ASN A 596 -0.52 18.05 2.42
CA ASN A 596 -1.71 17.75 1.64
C ASN A 596 -2.57 18.99 1.64
N ILE A 597 -2.98 19.42 0.45
CA ILE A 597 -3.70 20.68 0.31
C ILE A 597 -5.03 20.64 1.08
N ASN A 598 -5.50 19.44 1.41
CA ASN A 598 -6.68 19.26 2.26
C ASN A 598 -6.42 19.00 3.73
N GLY A 599 -5.18 19.13 4.17
CA GLY A 599 -4.81 18.72 5.51
C GLY A 599 -5.24 19.79 6.52
N SER A 600 -5.47 19.40 7.77
CA SER A 600 -5.81 20.37 8.82
C SER A 600 -4.60 21.25 9.13
N ALA A 601 -4.85 22.45 9.66
CA ALA A 601 -3.78 23.36 10.05
C ALA A 601 -3.27 23.07 11.45
N THR A 602 -3.99 22.27 12.22
CA THR A 602 -3.49 21.89 13.53
C THR A 602 -2.02 21.46 13.43
N VAL A 603 -1.20 22.02 14.33
CA VAL A 603 0.22 21.65 14.43
C VAL A 603 0.43 20.42 15.34
N GLN A 604 0.98 19.36 14.73
CA GLN A 604 1.33 18.19 15.49
C GLN A 604 2.82 18.25 15.82
N GLN A 605 3.17 17.83 17.03
CA GLN A 605 4.55 17.84 17.48
C GLN A 605 4.93 16.47 17.97
N ARG A 606 6.03 15.95 17.40
CA ARG A 606 6.50 14.58 17.68
C ARG A 606 8.02 14.47 17.94
N ASN A 607 8.42 13.56 18.82
CA ASN A 607 9.83 13.34 19.08
C ASN A 607 10.32 12.20 18.19
N PHE A 608 11.52 12.34 17.66
CA PHE A 608 12.10 11.36 16.72
C PHE A 608 13.51 11.06 17.21
N ALA A 609 13.91 9.78 17.07
CA ALA A 609 15.32 9.37 17.01
C ALA A 609 15.80 9.26 15.56
N THR A 610 16.86 9.99 15.22
CA THR A 610 17.37 9.97 13.85
C THR A 610 18.82 9.49 13.88
N LEU A 611 19.11 8.45 13.12
CA LEU A 611 20.41 7.80 13.14
C LEU A 611 20.89 7.74 11.73
N TYR A 612 22.12 8.24 11.49
CA TYR A 612 22.58 8.38 10.12
C TYR A 612 24.09 8.42 9.92
N VAL A 613 24.47 8.01 8.72
CA VAL A 613 25.84 8.10 8.26
C VAL A 613 25.94 9.26 7.31
N ASN A 614 27.00 10.03 7.49
CA ASN A 614 27.30 11.13 6.61
C ASN A 614 28.40 10.71 5.62
N HIS A 615 28.12 10.67 4.32
CA HIS A 615 29.12 10.25 3.33
C HIS A 615 29.95 11.44 2.86
N GLY A 616 29.49 12.63 3.25
CA GLY A 616 30.19 13.88 2.98
C GLY A 616 29.98 14.44 1.60
N VAL A 617 30.71 15.55 1.37
CA VAL A 617 30.73 16.22 0.09
C VAL A 617 31.63 15.40 -0.83
N GLY A 618 31.19 15.31 -2.08
CA GLY A 618 31.90 14.61 -3.14
C GLY A 618 32.39 13.22 -2.76
N PRO A 619 31.58 12.34 -2.15
CA PRO A 619 32.08 10.99 -1.84
C PRO A 619 32.54 10.33 -3.14
N VAL A 620 33.60 9.55 -3.03
CA VAL A 620 34.07 8.75 -4.17
C VAL A 620 33.92 7.31 -3.70
N ALA A 621 33.15 6.51 -4.44
CA ALA A 621 32.77 5.16 -3.98
C ALA A 621 32.37 5.14 -2.51
N GLY A 622 31.53 6.08 -2.06
CA GLY A 622 31.08 6.08 -0.66
C GLY A 622 30.40 4.75 -0.37
N SER A 623 30.36 4.35 0.90
CA SER A 623 29.77 3.06 1.26
C SER A 623 29.18 3.12 2.66
N TYR A 624 28.26 2.20 3.01
CA TYR A 624 27.86 2.01 4.40
C TYR A 624 27.69 0.51 4.69
N ALA A 625 27.74 0.14 5.97
CA ALA A 625 27.39 -1.20 6.38
C ALA A 625 26.83 -1.19 7.82
N TYR A 626 25.57 -1.58 7.93
CA TYR A 626 24.90 -1.62 9.24
C TYR A 626 23.82 -2.71 9.30
N MET A 627 23.32 -2.98 10.50
CA MET A 627 22.22 -3.92 10.64
C MET A 627 21.16 -3.41 11.61
N VAL A 628 19.94 -3.94 11.46
CA VAL A 628 18.80 -3.57 12.32
C VAL A 628 18.26 -4.86 12.94
N ALA A 629 17.99 -4.81 14.24
CA ALA A 629 17.54 -5.97 14.96
C ALA A 629 16.30 -5.56 15.74
N PRO A 630 15.15 -5.55 15.07
CA PRO A 630 13.92 -5.06 15.74
C PRO A 630 13.59 -5.96 16.92
N GLY A 631 13.21 -5.39 18.05
CA GLY A 631 12.78 -6.18 19.20
C GLY A 631 13.92 -6.67 20.09
N ALA A 632 15.17 -6.44 19.71
CA ALA A 632 16.30 -6.95 20.51
C ALA A 632 16.47 -6.19 21.83
N SER A 633 16.76 -6.93 22.92
CA SER A 633 17.14 -6.36 24.23
C SER A 633 18.52 -5.72 24.12
N VAL A 634 18.96 -4.99 25.14
CA VAL A 634 20.33 -4.46 25.17
C VAL A 634 21.32 -5.62 25.20
N ASP A 635 21.03 -6.65 25.99
CA ASP A 635 21.99 -7.75 26.06
C ASP A 635 22.23 -8.29 24.63
N LEU A 636 21.16 -8.65 23.91
CA LEU A 636 21.29 -9.16 22.55
C LEU A 636 21.91 -8.17 21.58
N THR A 637 21.63 -6.89 21.74
CA THR A 637 22.17 -5.89 20.83
C THR A 637 23.68 -5.80 20.97
N ARG A 638 24.15 -5.84 22.22
CA ARG A 638 25.58 -5.75 22.56
C ARG A 638 26.34 -6.89 21.90
N LYS A 639 25.73 -8.07 21.91
CA LYS A 639 26.31 -9.29 21.38
C LYS A 639 26.23 -9.45 19.87
N LEU A 640 25.58 -8.52 19.14
CA LEU A 640 25.31 -8.69 17.68
C LEU A 640 26.60 -8.89 16.84
N LEU A 641 27.57 -8.04 17.16
CA LEU A 641 28.85 -7.97 16.52
C LEU A 641 29.89 -8.99 17.02
N GLU A 642 29.52 -9.83 17.97
CA GLU A 642 30.44 -10.84 18.51
C GLU A 642 30.29 -12.16 17.73
N GLY A 643 31.39 -12.90 17.59
CA GLY A 643 31.39 -14.23 17.03
C GLY A 643 31.14 -14.32 15.53
N ASN A 644 31.33 -13.20 14.82
CA ASN A 644 31.16 -13.20 13.36
C ASN A 644 29.79 -13.79 12.90
N LYS A 645 28.73 -13.45 13.65
CA LYS A 645 27.38 -13.92 13.33
C LYS A 645 26.89 -13.40 12.00
N TYR A 646 27.24 -12.16 11.67
CA TYR A 646 26.86 -11.51 10.42
C TYR A 646 28.18 -11.06 9.77
N SER A 647 28.59 -11.86 8.79
CA SER A 647 29.99 -11.86 8.39
C SER A 647 29.96 -11.27 7.00
N VAL A 648 30.42 -10.02 6.86
CA VAL A 648 30.34 -9.40 5.54
C VAL A 648 31.42 -10.06 4.68
N ILE A 649 31.06 -10.33 3.42
CA ILE A 649 31.91 -11.02 2.48
C ILE A 649 32.49 -10.03 1.49
N ARG A 650 31.61 -9.31 0.81
CA ARG A 650 31.98 -8.23 -0.08
C ARG A 650 31.02 -7.04 0.00
N ASN A 651 31.59 -5.84 0.00
CA ASN A 651 30.79 -4.63 -0.17
C ASN A 651 31.54 -3.55 -0.93
N ASP A 652 31.26 -3.54 -2.21
CA ASP A 652 31.81 -2.61 -3.19
C ASP A 652 30.90 -2.65 -4.42
N ALA A 653 31.36 -2.09 -5.54
CA ALA A 653 30.56 -1.77 -6.73
C ALA A 653 30.26 -2.94 -7.66
N THR A 654 30.92 -4.07 -7.38
CA THR A 654 30.73 -5.32 -8.14
C THR A 654 29.68 -6.20 -7.41
N ALA A 655 29.91 -6.47 -6.13
CA ALA A 655 29.02 -7.36 -5.37
C ALA A 655 28.84 -6.91 -3.90
N GLN A 656 27.72 -7.30 -3.29
CA GLN A 656 27.47 -7.08 -1.86
C GLN A 656 26.95 -8.40 -1.27
N SER A 657 27.53 -8.85 -0.16
CA SER A 657 27.18 -10.18 0.30
C SER A 657 27.49 -10.35 1.77
N VAL A 658 26.60 -11.09 2.43
CA VAL A 658 26.79 -11.44 3.84
C VAL A 658 26.48 -12.93 4.07
N GLU A 659 27.16 -13.49 5.06
CA GLU A 659 26.86 -14.83 5.54
C GLU A 659 26.25 -14.77 6.93
N PHE A 660 25.10 -15.42 7.07
CA PHE A 660 24.52 -15.60 8.38
C PHE A 660 25.05 -16.89 8.96
N LYS A 661 25.92 -16.78 9.96
CA LYS A 661 26.62 -17.91 10.55
C LYS A 661 25.65 -18.97 11.08
N THR A 662 24.61 -18.53 11.80
CA THR A 662 23.65 -19.45 12.44
C THR A 662 22.63 -20.04 11.45
N ALA A 663 22.20 -19.27 10.45
CA ALA A 663 21.30 -19.82 9.45
C ALA A 663 22.04 -20.63 8.40
N LYS A 664 23.36 -20.77 8.55
CA LYS A 664 24.17 -21.46 7.53
C LYS A 664 23.77 -21.02 6.09
N THR A 665 23.51 -19.73 5.92
CA THR A 665 23.02 -19.23 4.65
C THR A 665 23.80 -18.00 4.28
N THR A 666 24.05 -17.89 2.98
CA THR A 666 24.85 -16.80 2.44
C THR A 666 24.01 -16.08 1.40
N ALA A 667 24.05 -14.76 1.43
CA ALA A 667 23.25 -14.03 0.46
C ALA A 667 24.13 -13.00 -0.21
N ALA A 668 23.71 -12.56 -1.38
CA ALA A 668 24.57 -11.75 -2.25
C ALA A 668 23.74 -11.06 -3.28
N THR A 669 24.11 -9.83 -3.67
CA THR A 669 23.59 -9.21 -4.92
C THR A 669 24.82 -8.90 -5.81
N PHE A 670 24.61 -8.93 -7.12
CA PHE A 670 25.70 -8.75 -8.08
C PHE A 670 25.32 -7.61 -9.03
N TRP A 671 26.19 -6.61 -9.15
CA TRP A 671 25.98 -5.45 -10.03
C TRP A 671 26.77 -5.66 -11.33
N LYS A 672 27.88 -6.35 -11.18
CA LYS A 672 28.82 -6.65 -12.28
C LYS A 672 29.28 -8.11 -12.26
N PRO A 673 29.52 -8.68 -13.46
CA PRO A 673 30.35 -9.87 -13.61
C PRO A 673 31.33 -9.89 -12.45
N GLY A 674 31.27 -10.94 -11.66
CA GLY A 674 32.28 -11.06 -10.62
C GLY A 674 32.03 -12.11 -9.58
N MET A 675 32.80 -12.04 -8.50
CA MET A 675 32.81 -13.01 -7.42
C MET A 675 32.62 -12.30 -6.09
N ALA A 676 31.80 -12.91 -5.24
CA ALA A 676 31.74 -12.55 -3.82
C ALA A 676 32.08 -13.79 -3.01
N GLY A 677 33.26 -13.76 -2.40
CA GLY A 677 33.91 -14.98 -1.93
C GLY A 677 33.84 -16.01 -3.05
N ASP A 678 33.44 -17.23 -2.72
CA ASP A 678 33.40 -18.31 -3.72
C ASP A 678 32.10 -18.40 -4.54
N LEU A 679 31.16 -17.49 -4.34
CA LEU A 679 30.04 -17.39 -5.27
C LEU A 679 30.37 -16.42 -6.39
N GLY A 680 30.01 -16.76 -7.62
CA GLY A 680 30.22 -15.82 -8.72
C GLY A 680 29.02 -15.81 -9.61
N ALA A 681 28.83 -14.71 -10.37
CA ALA A 681 27.71 -14.53 -11.28
C ALA A 681 28.19 -13.75 -12.48
N SER A 682 27.49 -13.89 -13.59
CA SER A 682 27.97 -13.38 -14.85
C SER A 682 27.30 -12.10 -15.28
N GLY A 683 26.39 -11.61 -14.42
CA GLY A 683 25.54 -10.49 -14.78
C GLY A 683 24.70 -10.18 -13.55
N PRO A 684 23.88 -9.14 -13.62
CA PRO A 684 23.05 -8.71 -12.48
C PRO A 684 22.28 -9.88 -11.85
N ALA A 685 22.37 -10.05 -10.53
CA ALA A 685 21.73 -11.19 -9.88
C ALA A 685 21.45 -10.95 -8.42
N CYS A 686 20.34 -11.53 -7.95
CA CYS A 686 20.20 -11.82 -6.51
C CYS A 686 20.32 -13.30 -6.25
N VAL A 687 21.08 -13.68 -5.21
CA VAL A 687 21.20 -15.07 -4.84
C VAL A 687 21.28 -15.31 -3.37
N VAL A 688 20.59 -16.38 -2.98
CA VAL A 688 20.72 -16.93 -1.65
C VAL A 688 20.97 -18.42 -1.77
N PHE A 689 22.00 -18.88 -1.05
CA PHE A 689 22.37 -20.30 -1.03
C PHE A 689 22.63 -20.84 0.36
N SER A 690 22.44 -22.16 0.49
CA SER A 690 22.75 -22.85 1.72
C SER A 690 23.14 -24.30 1.39
N ARG A 691 24.20 -24.79 2.01
CA ARG A 691 24.54 -26.19 1.87
C ARG A 691 24.11 -26.91 3.13
N HIS A 692 23.29 -27.94 2.94
CA HIS A 692 22.99 -28.90 4.01
C HIS A 692 23.70 -30.22 3.66
N GLY A 693 24.82 -30.47 4.33
CA GLY A 693 25.62 -31.65 4.04
C GLY A 693 26.11 -31.75 2.60
N ASN A 694 25.59 -32.73 1.86
CA ASN A 694 26.03 -33.00 0.47
C ASN A 694 25.05 -32.42 -0.54
N GLU A 695 24.33 -31.40 -0.08
CA GLU A 695 23.29 -30.77 -0.92
C GLU A 695 23.34 -29.25 -0.78
N LEU A 696 23.21 -28.59 -1.92
CA LEU A 696 23.28 -27.14 -2.01
C LEU A 696 21.96 -26.63 -2.58
N SER A 697 21.28 -25.82 -1.75
CA SER A 697 20.05 -25.12 -2.15
C SER A 697 20.39 -23.65 -2.44
N LEU A 698 19.77 -23.14 -3.50
CA LEU A 698 20.02 -21.82 -4.04
C LEU A 698 18.70 -21.24 -4.48
N ALA A 699 18.59 -19.92 -4.32
CA ALA A 699 17.45 -19.20 -4.89
C ALA A 699 18.08 -18.09 -5.70
N VAL A 700 17.64 -17.91 -6.93
CA VAL A 700 18.29 -16.97 -7.84
C VAL A 700 17.22 -16.16 -8.49
N SER A 701 17.46 -14.87 -8.62
CA SER A 701 16.63 -14.10 -9.56
C SER A 701 17.49 -13.29 -10.54
N GLU A 702 16.93 -12.96 -11.69
CA GLU A 702 17.58 -12.14 -12.70
C GLU A 702 16.86 -10.78 -12.65
N PRO A 703 17.39 -9.81 -11.90
CA PRO A 703 16.59 -8.63 -11.51
C PRO A 703 16.37 -7.48 -12.50
N THR A 704 17.12 -7.40 -13.61
CA THR A 704 16.80 -6.43 -14.69
C THR A 704 15.50 -6.75 -15.39
N GLN A 705 15.06 -7.99 -15.26
CA GLN A 705 13.90 -8.53 -15.99
C GLN A 705 14.04 -8.49 -17.53
N LYS A 706 15.29 -8.35 -18.01
CA LYS A 706 15.53 -8.25 -19.46
C LYS A 706 16.50 -9.30 -20.04
N ALA A 707 17.27 -10.01 -19.22
CA ALA A 707 18.30 -10.96 -19.70
C ALA A 707 17.78 -12.39 -20.01
N ALA A 708 18.23 -12.95 -21.14
CA ALA A 708 17.85 -14.32 -21.53
C ALA A 708 18.49 -15.39 -20.66
N GLY A 709 19.70 -15.15 -20.13
CA GLY A 709 20.29 -16.10 -19.21
C GLY A 709 21.31 -15.57 -18.21
N LEU A 710 21.77 -16.45 -17.33
CA LEU A 710 22.60 -16.06 -16.19
C LEU A 710 23.36 -17.26 -15.69
N THR A 711 24.66 -17.08 -15.48
CA THR A 711 25.53 -18.15 -15.01
C THR A 711 26.20 -17.86 -13.68
N LEU A 712 25.97 -18.76 -12.73
CA LEU A 712 26.62 -18.72 -11.45
C LEU A 712 27.87 -19.60 -11.39
N THR A 713 28.74 -19.28 -10.46
CA THR A 713 29.95 -20.00 -10.25
C THR A 713 29.77 -20.45 -8.82
N LEU A 714 29.59 -21.76 -8.65
CA LEU A 714 29.06 -22.30 -7.43
C LEU A 714 30.07 -22.30 -6.34
N PRO A 715 29.63 -21.95 -5.13
CA PRO A 715 30.49 -22.01 -3.95
C PRO A 715 30.57 -23.43 -3.37
N GLU A 716 31.43 -23.61 -2.37
CA GLU A 716 31.32 -24.75 -1.46
C GLU A 716 31.77 -26.07 -2.11
N GLY A 717 32.69 -25.99 -3.08
CA GLY A 717 33.16 -27.15 -3.82
C GLY A 717 32.44 -27.36 -5.14
N THR A 718 32.58 -28.58 -5.69
CA THR A 718 31.96 -29.00 -6.97
C THR A 718 30.61 -29.68 -6.77
N TRP A 719 29.82 -29.71 -7.84
CA TRP A 719 28.41 -30.16 -7.78
C TRP A 719 28.12 -30.87 -9.08
N SER A 720 27.70 -32.12 -9.00
CA SER A 720 27.66 -33.04 -10.16
C SER A 720 26.26 -33.35 -10.69
N SER A 721 25.24 -33.15 -9.85
CA SER A 721 23.86 -33.38 -10.27
C SER A 721 22.87 -32.39 -9.63
N VAL A 722 21.80 -32.18 -10.38
CA VAL A 722 20.67 -31.34 -10.05
C VAL A 722 19.60 -32.23 -9.40
N LEU A 723 19.32 -32.02 -8.11
CA LEU A 723 18.29 -32.79 -7.41
C LEU A 723 16.88 -32.26 -7.58
N GLU A 724 16.74 -30.98 -7.95
CA GLU A 724 15.47 -30.25 -7.77
C GLU A 724 15.53 -28.93 -8.52
N GLY A 725 14.75 -28.77 -9.59
CA GLY A 725 14.69 -27.52 -10.32
C GLY A 725 15.56 -27.47 -11.58
N ALA A 726 15.55 -26.31 -12.25
CA ALA A 726 16.14 -26.16 -13.60
C ALA A 726 17.53 -25.48 -13.62
N GLY A 727 18.29 -25.68 -14.70
CA GLY A 727 19.67 -25.23 -14.77
C GLY A 727 20.64 -26.30 -15.27
N THR A 728 21.64 -25.87 -16.03
CA THR A 728 22.62 -26.77 -16.61
C THR A 728 23.99 -26.61 -15.97
N LEU A 729 24.48 -27.70 -15.37
CA LEU A 729 25.78 -27.71 -14.72
C LEU A 729 26.93 -27.60 -15.74
N GLY A 730 28.14 -27.40 -15.23
CA GLY A 730 29.32 -27.22 -16.06
C GLY A 730 30.54 -26.96 -15.21
N THR A 731 31.70 -26.91 -15.86
CA THR A 731 32.96 -26.58 -15.22
C THR A 731 33.57 -25.43 -16.00
N ASP A 732 34.07 -24.42 -15.30
CA ASP A 732 34.81 -23.35 -15.95
C ASP A 732 36.29 -23.72 -16.19
N ALA A 733 37.05 -22.69 -16.56
CA ALA A 733 38.50 -22.76 -16.75
C ALA A 733 39.27 -23.13 -15.49
N ASP A 734 38.75 -22.78 -14.32
CA ASP A 734 39.50 -22.99 -13.07
C ASP A 734 39.09 -24.21 -12.24
N GLY A 735 38.33 -25.12 -12.84
CA GLY A 735 37.88 -26.30 -12.12
C GLY A 735 36.68 -26.08 -11.23
N ARG A 736 36.03 -24.93 -11.35
CA ARG A 736 34.84 -24.64 -10.57
C ARG A 736 33.54 -25.01 -11.30
N SER A 737 32.56 -25.48 -10.52
CA SER A 737 31.24 -25.85 -11.03
C SER A 737 30.42 -24.61 -11.39
N THR A 738 29.72 -24.67 -12.50
CA THR A 738 28.85 -23.56 -12.88
C THR A 738 27.43 -24.04 -13.04
N LEU A 739 26.49 -23.10 -12.89
CA LEU A 739 25.07 -23.34 -13.19
C LEU A 739 24.58 -22.22 -14.08
N THR A 740 24.10 -22.63 -15.25
CA THR A 740 23.63 -21.72 -16.27
C THR A 740 22.12 -21.81 -16.31
N LEU A 741 21.46 -20.66 -16.24
CA LEU A 741 19.99 -20.61 -16.24
C LEU A 741 19.46 -19.89 -17.44
N ASP A 742 18.28 -20.33 -17.88
CA ASP A 742 17.50 -19.65 -18.90
C ASP A 742 16.56 -18.73 -18.11
N THR A 743 16.85 -17.43 -18.12
CA THR A 743 16.07 -16.48 -17.31
C THR A 743 15.14 -15.68 -18.22
N THR A 744 15.05 -16.12 -19.48
CA THR A 744 14.13 -15.48 -20.46
C THR A 744 12.71 -15.34 -19.91
N GLY A 745 12.19 -14.12 -19.90
CA GLY A 745 10.83 -13.82 -19.48
C GLY A 745 10.45 -14.02 -18.01
N LEU A 746 11.43 -14.15 -17.13
CA LEU A 746 11.14 -14.45 -15.73
C LEU A 746 10.51 -13.32 -14.91
N SER A 747 10.59 -12.08 -15.42
CA SER A 747 9.94 -10.93 -14.80
C SER A 747 10.36 -10.70 -13.35
N GLY A 748 11.66 -10.90 -13.08
CA GLY A 748 12.22 -10.76 -11.74
C GLY A 748 11.91 -11.85 -10.76
N LYS A 749 11.24 -12.91 -11.20
CA LYS A 749 10.80 -13.99 -10.30
C LYS A 749 11.95 -14.91 -9.85
N THR A 750 11.72 -15.57 -8.74
CA THR A 750 12.74 -16.40 -8.15
C THR A 750 12.70 -17.79 -8.79
N LYS A 751 13.89 -18.35 -9.08
CA LYS A 751 14.07 -19.77 -9.41
C LYS A 751 14.74 -20.48 -8.24
N LEU A 752 14.12 -21.55 -7.78
CA LEU A 752 14.67 -22.36 -6.70
C LEU A 752 15.28 -23.62 -7.32
N ILE A 753 16.49 -23.97 -6.88
CA ILE A 753 17.24 -25.11 -7.41
C ILE A 753 17.86 -25.94 -6.27
N LYS A 754 18.08 -27.24 -6.47
CA LYS A 754 18.84 -28.03 -5.48
C LYS A 754 19.83 -28.92 -6.20
N LEU A 755 21.01 -29.09 -5.59
CA LEU A 755 22.11 -29.78 -6.24
C LEU A 755 22.73 -30.77 -5.28
N LYS A 756 23.28 -31.84 -5.83
CA LYS A 756 23.97 -32.86 -5.02
C LYS A 756 25.46 -32.88 -5.38
N ARG A 757 26.30 -33.06 -4.36
CA ARG A 757 27.74 -32.98 -4.55
C ARG A 757 28.15 -34.06 -5.53
C1 NAG B . -9.05 9.38 -6.26
C2 NAG B . -8.74 8.81 -4.85
C3 NAG B . -9.97 8.96 -3.97
C4 NAG B . -10.26 10.45 -3.88
C5 NAG B . -10.47 11.05 -5.29
C6 NAG B . -10.65 12.55 -5.09
C7 NAG B . -7.34 6.92 -4.27
C8 NAG B . -7.30 5.40 -4.17
N2 NAG B . -8.39 7.42 -4.90
O1 NAG B . -7.95 9.17 -7.15
O3 NAG B . -9.76 8.33 -2.69
O4 NAG B . -11.36 10.69 -3.01
O5 NAG B . -9.34 10.78 -6.12
O6 NAG B . -10.70 13.09 -6.37
O7 NAG B . -6.46 7.64 -3.82
C1 GAD B . -10.52 7.39 -2.11
C2 GAD B . -9.88 6.73 -0.87
O2 GAD B . -8.53 6.41 -1.10
C3 GAD B . -10.57 5.41 -0.56
O3 GAD B . -10.70 5.25 0.87
C4 GAD B . -11.85 5.16 -1.41
C5 GAD B . -12.57 6.21 -1.82
C6 GAD B . -13.95 6.22 -2.50
O6A GAD B . -14.60 5.16 -2.81
O6B GAD B . -14.35 7.40 -2.67
O5 GAD B . -11.90 7.48 -1.69
NA NA C . 2.17 7.18 -12.95
P PO4 D . -8.10 8.55 -10.57
O1 PO4 D . -9.25 7.79 -9.96
O2 PO4 D . -7.18 9.03 -9.45
O3 PO4 D . -7.33 7.67 -11.57
O4 PO4 D . -8.64 9.70 -11.40
C1 GOL E . 8.94 3.12 18.71
C1 GOL E . 8.38 4.05 20.64
O1 GOL E . 9.53 2.04 18.03
O1 GOL E . 8.14 4.93 19.56
C2 GOL E . 8.80 2.82 20.20
C2 GOL E . 9.21 2.90 20.09
O2 GOL E . 7.96 1.72 20.46
O2 GOL E . 10.58 3.16 20.23
C3 GOL E . 8.21 4.04 20.92
C3 GOL E . 8.88 2.84 18.59
O3 GOL E . 8.24 3.75 22.30
O3 GOL E . 9.49 1.75 17.96
#